data_1XQK
#
_entry.id   1XQK
#
_cell.length_a   84.965
_cell.length_b   85.627
_cell.length_c   97.963
_cell.angle_alpha   90.00
_cell.angle_beta   90.00
_cell.angle_gamma   90.00
#
_symmetry.space_group_name_H-M   'P 21 21 21'
#
loop_
_entity.id
_entity.type
_entity.pdbx_description
1 polymer 'Alanine racemase'
2 non-polymer '(5-HYDROXY-4-{[(3-HYDROXYISOXAZOL-4-YL)AMINO]METHYL}-6-METHYLPYRIDIN-3-YL)METHYL DIHYDROGEN PHOSPHATE'
3 water water
#
_entity_poly.entity_id   1
_entity_poly.type   'polypeptide(L)'
_entity_poly.pdbx_seq_one_letter_code
;MNDFHRDTWAEVDLDAIYDNVENLRRLLPDDTHIMAVVKANAYGHGDVQVARTALEAGASRLAVAFLDEALALREKGIEA
PILVLGASRPADAALAAQQRIALTVFRSDWLEEASALYSGPFPIHFHL(KCX)MDTGMGRLGVKDEEETKRIVALIERHP
HFVLEGLYTHFATADEVNTDYFSYQYTRFLHMLEWLPSRPPLVHCANSAASLRFPDRTFNMVRFGIAMYGLAPSPGIKPL
LPYPLKEAFSLHSRLVHVKKLQPGEKVSFGATYTAQTEEWIGTIPIGYADGWLRRLQHFHVLVDGQKAPIVGRICMDQCM
IRLPGPLPVGTKVTLIGRQGDEVISIDDVARHLETINYEVPCTISYRVPRIFFRHKRIMEVRNAIGRGESSA
;
_entity_poly.pdbx_strand_id   A,B
#
loop_
_chem_comp.id
_chem_comp.type
_chem_comp.name
_chem_comp.formula
PMH non-polymer '(5-HYDROXY-4-{[(3-HYDROXYISOXAZOL-4-YL)AMINO]METHYL}-6-METHYLPYRIDIN-3-YL)METHYL DIHYDROGEN PHOSPHATE' 'C11 H14 N3 O7 P'
#
# COMPACT_ATOMS: atom_id res chain seq x y z
N ASN A 2 -5.20 16.30 -13.81
CA ASN A 2 -5.48 15.51 -12.58
C ASN A 2 -5.07 16.32 -11.34
N ASP A 3 -5.96 16.40 -10.36
CA ASP A 3 -5.69 17.19 -9.16
C ASP A 3 -5.73 16.40 -7.85
N PHE A 4 -5.20 17.01 -6.79
CA PHE A 4 -5.22 16.39 -5.47
C PHE A 4 -5.36 17.49 -4.43
N HIS A 5 -5.85 17.12 -3.25
CA HIS A 5 -6.09 18.12 -2.23
C HIS A 5 -5.55 17.91 -0.82
N ARG A 6 -4.35 17.33 -0.76
CA ARG A 6 -3.63 17.12 0.48
C ARG A 6 -2.19 17.44 0.09
N ASP A 7 -1.46 18.13 0.97
CA ASP A 7 -0.08 18.48 0.66
C ASP A 7 0.94 17.36 0.88
N THR A 8 0.69 16.22 0.25
CA THR A 8 1.59 15.07 0.31
C THR A 8 1.60 14.47 -1.09
N TRP A 9 2.79 14.18 -1.61
CA TRP A 9 2.87 13.65 -2.97
C TRP A 9 4.23 13.09 -3.29
N ALA A 10 4.27 12.33 -4.37
CA ALA A 10 5.51 11.75 -4.84
C ALA A 10 5.78 12.33 -6.21
N GLU A 11 7.06 12.46 -6.55
CA GLU A 11 7.43 12.97 -7.85
C GLU A 11 8.24 11.88 -8.54
N VAL A 12 7.92 11.64 -9.80
CA VAL A 12 8.59 10.64 -10.60
C VAL A 12 9.26 11.38 -11.75
N ASP A 13 10.59 11.41 -11.76
CA ASP A 13 11.33 12.09 -12.82
C ASP A 13 11.48 11.13 -14.00
N LEU A 14 10.64 11.30 -15.02
CA LEU A 14 10.69 10.44 -16.18
C LEU A 14 11.99 10.63 -16.97
N ASP A 15 12.66 11.76 -16.78
CA ASP A 15 13.91 12.01 -17.48
C ASP A 15 14.93 11.01 -16.94
N ALA A 16 14.83 10.73 -15.65
CA ALA A 16 15.74 9.77 -15.00
C ALA A 16 15.45 8.38 -15.55
N ILE A 17 14.17 8.01 -15.60
CA ILE A 17 13.76 6.71 -16.14
C ILE A 17 14.38 6.56 -17.53
N TYR A 18 14.11 7.54 -18.39
CA TYR A 18 14.63 7.53 -19.76
C TYR A 18 16.13 7.33 -19.83
N ASP A 19 16.88 8.12 -19.05
CA ASP A 19 18.34 8.03 -19.07
C ASP A 19 18.89 6.69 -18.59
N ASN A 20 18.25 6.10 -17.59
CA ASN A 20 18.71 4.80 -17.07
C ASN A 20 18.55 3.72 -18.14
N VAL A 21 17.43 3.76 -18.87
CA VAL A 21 17.16 2.78 -19.91
C VAL A 21 18.04 3.03 -21.12
N GLU A 22 18.16 4.30 -21.49
CA GLU A 22 18.96 4.68 -22.65
C GLU A 22 20.43 4.32 -22.46
N ASN A 23 20.92 4.41 -21.22
CA ASN A 23 22.31 4.05 -20.96
C ASN A 23 22.46 2.54 -21.12
N LEU A 24 21.45 1.79 -20.70
CA LEU A 24 21.49 0.32 -20.82
C LEU A 24 21.49 -0.09 -22.29
N ARG A 25 20.79 0.69 -23.09
CA ARG A 25 20.69 0.44 -24.52
C ARG A 25 22.09 0.42 -25.15
N ARG A 26 22.91 1.41 -24.81
CA ARG A 26 24.26 1.48 -25.35
C ARG A 26 25.25 0.51 -24.70
N LEU A 27 24.94 0.06 -23.48
CA LEU A 27 25.82 -0.88 -22.80
C LEU A 27 25.69 -2.30 -23.35
N LEU A 28 24.48 -2.66 -23.77
CA LEU A 28 24.20 -4.00 -24.28
C LEU A 28 24.54 -4.21 -25.75
N PRO A 29 24.65 -5.49 -26.16
CA PRO A 29 24.95 -5.78 -27.56
C PRO A 29 23.79 -5.20 -28.35
N ASP A 30 24.08 -4.68 -29.55
CA ASP A 30 23.06 -4.06 -30.39
C ASP A 30 21.84 -4.94 -30.72
N ASP A 31 22.03 -6.25 -30.74
CA ASP A 31 20.96 -7.18 -31.08
C ASP A 31 20.15 -7.67 -29.89
N THR A 32 20.48 -7.19 -28.70
CA THR A 32 19.79 -7.59 -27.46
C THR A 32 18.62 -6.67 -27.15
N HIS A 33 17.42 -7.24 -27.03
CA HIS A 33 16.25 -6.44 -26.74
C HIS A 33 16.14 -6.08 -25.26
N ILE A 34 15.37 -5.04 -24.97
CA ILE A 34 15.17 -4.61 -23.59
C ILE A 34 13.70 -4.69 -23.25
N MET A 35 13.38 -5.49 -22.23
CA MET A 35 12.00 -5.63 -21.76
C MET A 35 11.93 -4.86 -20.44
N ALA A 36 11.17 -3.78 -20.43
CA ALA A 36 11.03 -2.97 -19.22
C ALA A 36 10.03 -3.64 -18.28
N VAL A 37 10.46 -3.90 -17.05
CA VAL A 37 9.59 -4.54 -16.07
C VAL A 37 8.79 -3.47 -15.34
N VAL A 38 7.48 -3.44 -15.58
CA VAL A 38 6.64 -2.43 -14.95
C VAL A 38 5.51 -2.98 -14.08
N LYS A 39 5.72 -4.15 -13.48
CA LYS A 39 4.71 -4.74 -12.60
C LYS A 39 4.58 -3.87 -11.35
N ALA A 40 3.52 -4.11 -10.57
CA ALA A 40 3.29 -3.34 -9.34
C ALA A 40 3.23 -1.85 -9.61
N ASN A 41 2.50 -1.47 -10.67
CA ASN A 41 2.38 -0.08 -11.08
C ASN A 41 3.77 0.50 -11.27
N ALA A 42 4.63 -0.25 -11.94
CA ALA A 42 6.01 0.16 -12.20
C ALA A 42 6.74 0.41 -10.88
N TYR A 43 6.73 -0.59 -10.00
CA TYR A 43 7.39 -0.48 -8.72
C TYR A 43 6.93 0.78 -7.99
N GLY A 44 5.65 1.13 -8.14
CA GLY A 44 5.09 2.30 -7.48
C GLY A 44 5.37 3.64 -8.14
N HIS A 45 5.93 3.64 -9.35
CA HIS A 45 6.24 4.88 -10.05
C HIS A 45 5.20 5.30 -11.08
N GLY A 46 4.30 4.39 -11.46
CA GLY A 46 3.30 4.72 -12.47
C GLY A 46 3.49 3.81 -13.69
N ASP A 47 2.66 2.79 -13.78
CA ASP A 47 2.78 1.81 -14.86
C ASP A 47 2.87 2.35 -16.29
N VAL A 48 1.86 3.09 -16.73
CA VAL A 48 1.88 3.59 -18.09
C VAL A 48 2.90 4.70 -18.36
N GLN A 49 3.14 5.55 -17.36
CA GLN A 49 4.10 6.64 -17.54
C GLN A 49 5.53 6.09 -17.72
N VAL A 50 5.92 5.13 -16.90
CA VAL A 50 7.26 4.55 -17.02
C VAL A 50 7.36 3.67 -18.27
N ALA A 51 6.30 2.91 -18.56
CA ALA A 51 6.32 2.01 -19.71
C ALA A 51 6.52 2.80 -21.00
N ARG A 52 5.73 3.85 -21.16
CA ARG A 52 5.79 4.72 -22.33
C ARG A 52 7.18 5.35 -22.45
N THR A 53 7.71 5.81 -21.32
CA THR A 53 9.02 6.43 -21.30
C THR A 53 10.13 5.46 -21.65
N ALA A 54 10.05 4.24 -21.11
CA ALA A 54 11.06 3.23 -21.38
C ALA A 54 11.10 2.86 -22.86
N LEU A 55 9.92 2.76 -23.47
CA LEU A 55 9.84 2.43 -24.89
C LEU A 55 10.54 3.49 -25.75
N GLU A 56 10.43 4.75 -25.34
CA GLU A 56 11.07 5.86 -26.06
C GLU A 56 12.59 5.75 -25.95
N ALA A 57 13.06 5.21 -24.83
CA ALA A 57 14.48 5.09 -24.55
C ALA A 57 15.20 3.89 -25.13
N GLY A 58 14.46 2.99 -25.76
CA GLY A 58 15.12 1.82 -26.34
C GLY A 58 14.44 0.52 -26.01
N ALA A 59 13.57 0.52 -24.99
CA ALA A 59 12.85 -0.70 -24.63
C ALA A 59 11.87 -1.01 -25.76
N SER A 60 11.63 -2.30 -26.00
CA SER A 60 10.72 -2.70 -27.06
C SER A 60 9.59 -3.60 -26.57
N ARG A 61 9.73 -4.11 -25.35
N ARG A 61 9.73 -4.11 -25.35
CA ARG A 61 8.73 -4.99 -24.76
CA ARG A 61 8.73 -4.99 -24.76
C ARG A 61 8.53 -4.64 -23.28
C ARG A 61 8.53 -4.64 -23.28
N LEU A 62 7.40 -5.06 -22.73
CA LEU A 62 7.09 -4.79 -21.33
C LEU A 62 6.78 -6.09 -20.59
N ALA A 63 6.93 -6.06 -19.26
CA ALA A 63 6.64 -7.22 -18.43
C ALA A 63 5.87 -6.81 -17.18
N VAL A 64 4.92 -7.64 -16.78
CA VAL A 64 4.11 -7.40 -15.59
C VAL A 64 4.03 -8.67 -14.77
N ALA A 65 3.46 -8.58 -13.57
CA ALA A 65 3.36 -9.73 -12.68
C ALA A 65 2.20 -10.66 -13.00
N PHE A 66 1.02 -10.09 -13.24
CA PHE A 66 -0.16 -10.91 -13.55
C PHE A 66 -1.06 -10.26 -14.58
N LEU A 67 -1.97 -11.05 -15.14
CA LEU A 67 -2.86 -10.58 -16.19
C LEU A 67 -3.56 -9.23 -16.01
N ASP A 68 -4.04 -8.92 -14.82
CA ASP A 68 -4.74 -7.65 -14.62
C ASP A 68 -3.87 -6.44 -14.92
N GLU A 69 -2.59 -6.52 -14.61
CA GLU A 69 -1.68 -5.42 -14.85
C GLU A 69 -1.44 -5.21 -16.35
N ALA A 70 -1.46 -6.30 -17.11
CA ALA A 70 -1.27 -6.22 -18.55
C ALA A 70 -2.50 -5.60 -19.21
N LEU A 71 -3.69 -6.04 -18.82
CA LEU A 71 -4.92 -5.50 -19.38
C LEU A 71 -5.00 -4.00 -19.08
N ALA A 72 -4.52 -3.62 -17.90
CA ALA A 72 -4.51 -2.22 -17.49
C ALA A 72 -3.66 -1.38 -18.45
N LEU A 73 -2.48 -1.88 -18.79
CA LEU A 73 -1.61 -1.15 -19.71
C LEU A 73 -2.29 -0.95 -21.06
N ARG A 74 -2.93 -2.00 -21.58
CA ARG A 74 -3.63 -1.92 -22.86
C ARG A 74 -4.75 -0.89 -22.78
N GLU A 75 -5.50 -0.92 -21.68
CA GLU A 75 -6.59 0.03 -21.52
C GLU A 75 -6.04 1.45 -21.54
N LYS A 76 -4.83 1.61 -21.03
CA LYS A 76 -4.20 2.92 -20.98
C LYS A 76 -3.49 3.33 -22.28
N GLY A 77 -3.72 2.59 -23.35
CA GLY A 77 -3.13 2.95 -24.63
C GLY A 77 -1.83 2.31 -25.05
N ILE A 78 -1.25 1.46 -24.22
CA ILE A 78 0.00 0.78 -24.54
C ILE A 78 -0.22 -0.30 -25.59
N GLU A 79 0.60 -0.31 -26.63
CA GLU A 79 0.46 -1.29 -27.71
C GLU A 79 1.65 -2.23 -27.90
N ALA A 80 2.76 -1.94 -27.25
CA ALA A 80 3.95 -2.78 -27.36
C ALA A 80 3.68 -4.15 -26.75
N PRO A 81 4.52 -5.15 -27.07
CA PRO A 81 4.31 -6.49 -26.51
C PRO A 81 4.39 -6.48 -24.98
N ILE A 82 3.58 -7.30 -24.33
CA ILE A 82 3.57 -7.40 -22.87
C ILE A 82 3.59 -8.86 -22.47
N LEU A 83 4.49 -9.21 -21.55
CA LEU A 83 4.60 -10.58 -21.07
C LEU A 83 4.21 -10.62 -19.59
N VAL A 84 3.38 -11.60 -19.25
CA VAL A 84 2.97 -11.80 -17.87
C VAL A 84 4.01 -12.76 -17.30
N LEU A 85 4.76 -12.30 -16.31
CA LEU A 85 5.80 -13.11 -15.69
C LEU A 85 5.27 -14.15 -14.71
N GLY A 86 4.15 -13.84 -14.06
CA GLY A 86 3.57 -14.77 -13.10
C GLY A 86 2.58 -15.77 -13.66
N ALA A 87 1.88 -16.46 -12.76
CA ALA A 87 0.90 -17.46 -13.17
C ALA A 87 -0.40 -16.82 -13.66
N SER A 88 -1.18 -17.60 -14.38
CA SER A 88 -2.45 -17.14 -14.94
C SER A 88 -3.43 -18.32 -15.01
N ARG A 89 -4.71 -18.02 -15.22
CA ARG A 89 -5.73 -19.06 -15.32
C ARG A 89 -5.89 -19.51 -16.77
N PRO A 90 -5.84 -20.84 -17.02
CA PRO A 90 -6.00 -21.28 -18.40
C PRO A 90 -7.31 -20.82 -19.03
N ALA A 91 -8.29 -20.50 -18.20
CA ALA A 91 -9.59 -20.03 -18.67
C ALA A 91 -9.46 -18.61 -19.25
N ASP A 92 -8.41 -17.91 -18.84
CA ASP A 92 -8.17 -16.54 -19.32
C ASP A 92 -7.27 -16.50 -20.54
N ALA A 93 -6.89 -17.66 -21.05
CA ALA A 93 -6.02 -17.72 -22.22
C ALA A 93 -6.57 -16.89 -23.38
N ALA A 94 -7.85 -17.08 -23.68
CA ALA A 94 -8.52 -16.35 -24.77
C ALA A 94 -8.42 -14.85 -24.64
N LEU A 95 -8.74 -14.34 -23.46
CA LEU A 95 -8.69 -12.92 -23.20
C LEU A 95 -7.28 -12.38 -23.45
N ALA A 96 -6.28 -13.05 -22.91
CA ALA A 96 -4.90 -12.61 -23.11
C ALA A 96 -4.59 -12.59 -24.61
N ALA A 97 -5.02 -13.62 -25.32
CA ALA A 97 -4.78 -13.73 -26.75
C ALA A 97 -5.39 -12.55 -27.52
N GLN A 98 -6.64 -12.22 -27.24
CA GLN A 98 -7.26 -11.12 -27.95
C GLN A 98 -6.61 -9.81 -27.59
N GLN A 99 -6.03 -9.74 -26.39
CA GLN A 99 -5.36 -8.52 -25.92
C GLN A 99 -3.88 -8.54 -26.27
N ARG A 100 -3.47 -9.53 -27.07
CA ARG A 100 -2.08 -9.67 -27.49
C ARG A 100 -1.11 -9.62 -26.30
N ILE A 101 -1.40 -10.42 -25.28
CA ILE A 101 -0.55 -10.48 -24.11
C ILE A 101 0.08 -11.86 -24.01
N ALA A 102 1.39 -11.90 -23.91
CA ALA A 102 2.12 -13.16 -23.81
C ALA A 102 2.03 -13.69 -22.38
N LEU A 103 1.98 -15.01 -22.23
CA LEU A 103 1.87 -15.61 -20.92
C LEU A 103 3.03 -16.53 -20.57
N THR A 104 3.36 -16.59 -19.28
CA THR A 104 4.41 -17.47 -18.81
C THR A 104 3.77 -18.83 -18.59
N VAL A 105 4.51 -19.90 -18.89
CA VAL A 105 4.00 -21.26 -18.72
C VAL A 105 5.09 -22.11 -18.11
N PHE A 106 4.73 -22.99 -17.17
CA PHE A 106 5.72 -23.85 -16.53
C PHE A 106 5.27 -25.28 -16.24
N ARG A 107 4.06 -25.64 -16.65
CA ARG A 107 3.59 -27.01 -16.47
C ARG A 107 2.67 -27.44 -17.58
N SER A 108 2.79 -28.72 -17.95
CA SER A 108 1.99 -29.28 -19.03
C SER A 108 0.49 -29.35 -18.75
N ASP A 109 0.10 -29.67 -17.52
CA ASP A 109 -1.32 -29.74 -17.22
C ASP A 109 -2.03 -28.41 -17.42
N TRP A 110 -1.28 -27.31 -17.38
CA TRP A 110 -1.85 -25.99 -17.59
C TRP A 110 -2.25 -25.95 -19.07
N LEU A 111 -1.35 -26.41 -19.93
CA LEU A 111 -1.64 -26.43 -21.36
C LEU A 111 -2.80 -27.34 -21.69
N GLU A 112 -2.95 -28.43 -20.94
CA GLU A 112 -4.05 -29.36 -21.15
C GLU A 112 -5.37 -28.61 -20.95
N GLU A 113 -5.50 -27.97 -19.80
CA GLU A 113 -6.70 -27.21 -19.46
C GLU A 113 -6.95 -26.08 -20.45
N ALA A 114 -5.91 -25.32 -20.76
CA ALA A 114 -6.05 -24.19 -21.68
C ALA A 114 -6.53 -24.68 -23.04
N SER A 115 -5.87 -25.71 -23.55
CA SER A 115 -6.20 -26.29 -24.84
C SER A 115 -7.65 -26.76 -24.90
N ALA A 116 -8.18 -27.21 -23.77
CA ALA A 116 -9.56 -27.70 -23.73
C ALA A 116 -10.57 -26.56 -23.80
N LEU A 117 -10.14 -25.35 -23.43
CA LEU A 117 -11.03 -24.20 -23.43
C LEU A 117 -10.75 -23.18 -24.53
N TYR A 118 -9.65 -23.33 -25.26
CA TYR A 118 -9.32 -22.38 -26.32
C TYR A 118 -9.07 -23.01 -27.68
N SER A 119 -9.64 -22.42 -28.72
CA SER A 119 -9.48 -22.93 -30.07
C SER A 119 -9.38 -21.83 -31.14
N GLY A 120 -8.77 -20.71 -30.79
CA GLY A 120 -8.61 -19.61 -31.72
C GLY A 120 -9.63 -18.51 -31.51
N PRO A 121 -9.62 -17.46 -32.35
CA PRO A 121 -8.70 -17.23 -33.47
C PRO A 121 -7.33 -16.61 -33.13
N PHE A 122 -7.29 -15.77 -32.11
CA PHE A 122 -6.04 -15.12 -31.74
C PHE A 122 -4.99 -16.10 -31.23
N PRO A 123 -3.73 -15.91 -31.64
CA PRO A 123 -2.68 -16.81 -31.18
C PRO A 123 -2.21 -16.40 -29.78
N ILE A 124 -1.80 -17.38 -29.00
CA ILE A 124 -1.29 -17.13 -27.66
C ILE A 124 0.22 -17.38 -27.70
N HIS A 125 0.98 -16.36 -27.35
CA HIS A 125 2.43 -16.50 -27.32
C HIS A 125 2.83 -16.86 -25.91
N PHE A 126 3.63 -17.91 -25.78
CA PHE A 126 4.09 -18.39 -24.50
C PHE A 126 5.59 -18.23 -24.33
N HIS A 127 5.99 -18.07 -23.08
CA HIS A 127 7.40 -17.98 -22.73
C HIS A 127 7.55 -19.06 -21.68
N LEU A 128 8.29 -20.11 -22.03
CA LEU A 128 8.50 -21.21 -21.11
C LEU A 128 9.42 -20.80 -19.97
N KCX A 129 9.00 -21.08 -18.75
CA KCX A 129 9.81 -20.73 -17.60
CB KCX A 129 8.96 -20.12 -16.48
CG KCX A 129 9.70 -19.91 -15.18
CD KCX A 129 10.96 -19.11 -15.40
CE KCX A 129 10.95 -17.91 -14.50
NZ KCX A 129 10.91 -18.30 -13.10
C KCX A 129 10.57 -21.94 -17.06
O KCX A 129 9.97 -22.98 -16.75
CX KCX A 129 10.86 -17.42 -12.11
OQ1 KCX A 129 10.91 -16.20 -12.37
OQ2 KCX A 129 10.78 -17.82 -10.92
N MET A 130 11.89 -21.80 -16.93
CA MET A 130 12.74 -22.86 -16.41
C MET A 130 13.29 -22.43 -15.05
N ASP A 131 13.11 -23.27 -14.05
CA ASP A 131 13.61 -22.98 -12.71
C ASP A 131 15.06 -23.46 -12.70
N THR A 132 16.00 -22.54 -12.51
CA THR A 132 17.41 -22.91 -12.50
C THR A 132 18.04 -22.76 -11.14
N GLY A 133 17.22 -22.68 -10.09
CA GLY A 133 17.76 -22.55 -8.76
C GLY A 133 17.07 -21.51 -7.88
N MET A 134 16.11 -20.79 -8.44
CA MET A 134 15.38 -19.77 -7.70
C MET A 134 14.26 -20.42 -6.88
N GLY A 135 13.75 -21.55 -7.37
CA GLY A 135 12.69 -22.26 -6.67
C GLY A 135 11.32 -21.61 -6.62
N ARG A 136 11.06 -20.69 -7.53
CA ARG A 136 9.77 -20.00 -7.53
C ARG A 136 8.83 -20.67 -8.53
N LEU A 137 9.02 -20.38 -9.82
CA LEU A 137 8.23 -20.98 -10.88
C LEU A 137 9.19 -21.52 -11.94
N GLY A 138 8.70 -22.40 -12.79
CA GLY A 138 9.54 -22.97 -13.84
C GLY A 138 9.65 -24.47 -13.81
N VAL A 139 9.84 -25.07 -14.99
CA VAL A 139 9.98 -26.51 -15.10
C VAL A 139 11.34 -26.85 -14.53
N LYS A 140 11.57 -28.12 -14.22
CA LYS A 140 12.85 -28.53 -13.67
C LYS A 140 13.37 -29.84 -14.21
N ASP A 141 12.57 -30.55 -15.01
N ASP A 141 12.56 -30.54 -14.99
CA ASP A 141 13.01 -31.82 -15.57
CA ASP A 141 12.95 -31.83 -15.58
C ASP A 141 12.88 -31.78 -17.09
C ASP A 141 12.85 -31.78 -17.10
N GLU A 142 13.62 -32.65 -17.76
CA GLU A 142 13.60 -32.70 -19.22
C GLU A 142 12.26 -33.20 -19.77
N GLU A 143 11.70 -34.20 -19.12
CA GLU A 143 10.43 -34.79 -19.56
C GLU A 143 9.34 -33.72 -19.66
N GLU A 144 9.09 -33.03 -18.55
CA GLU A 144 8.08 -31.98 -18.51
C GLU A 144 8.34 -30.94 -19.60
N THR A 145 9.61 -30.55 -19.73
CA THR A 145 10.00 -29.56 -20.73
C THR A 145 9.56 -29.96 -22.12
N LYS A 146 10.00 -31.14 -22.55
CA LYS A 146 9.64 -31.63 -23.88
C LYS A 146 8.13 -31.75 -24.06
N ARG A 147 7.42 -32.12 -23.00
CA ARG A 147 5.97 -32.26 -23.09
C ARG A 147 5.29 -30.91 -23.33
N ILE A 148 5.74 -29.88 -22.62
CA ILE A 148 5.17 -28.54 -22.80
C ILE A 148 5.35 -28.11 -24.25
N VAL A 149 6.58 -28.26 -24.76
CA VAL A 149 6.90 -27.90 -26.13
C VAL A 149 6.00 -28.62 -27.14
N ALA A 150 5.87 -29.94 -26.98
CA ALA A 150 5.03 -30.73 -27.89
C ALA A 150 3.57 -30.31 -27.85
N LEU A 151 3.04 -30.05 -26.66
CA LEU A 151 1.65 -29.62 -26.53
C LEU A 151 1.45 -28.28 -27.21
N ILE A 152 2.49 -27.45 -27.18
CA ILE A 152 2.43 -26.13 -27.81
C ILE A 152 2.46 -26.30 -29.33
N GLU A 153 3.34 -27.18 -29.79
CA GLU A 153 3.48 -27.46 -31.21
C GLU A 153 2.14 -27.91 -31.78
N ARG A 154 1.55 -28.89 -31.12
CA ARG A 154 0.28 -29.49 -31.52
C ARG A 154 -0.86 -28.51 -31.75
N HIS A 155 -1.15 -27.67 -30.76
CA HIS A 155 -2.25 -26.72 -30.86
C HIS A 155 -1.99 -25.65 -31.90
N PRO A 156 -2.93 -25.47 -32.85
CA PRO A 156 -2.78 -24.48 -33.92
C PRO A 156 -2.68 -23.02 -33.47
N HIS A 157 -3.15 -22.71 -32.25
CA HIS A 157 -3.11 -21.33 -31.79
C HIS A 157 -2.12 -21.04 -30.66
N PHE A 158 -1.29 -22.02 -30.31
CA PHE A 158 -0.29 -21.85 -29.26
C PHE A 158 1.08 -21.66 -29.93
N VAL A 159 1.85 -20.70 -29.44
CA VAL A 159 3.17 -20.42 -30.01
C VAL A 159 4.24 -20.23 -28.95
N LEU A 160 5.39 -20.89 -29.11
CA LEU A 160 6.48 -20.75 -28.16
C LEU A 160 7.35 -19.60 -28.60
N GLU A 161 7.12 -18.43 -28.00
CA GLU A 161 7.85 -17.22 -28.34
C GLU A 161 9.21 -17.16 -27.66
N GLY A 162 9.27 -17.65 -26.43
CA GLY A 162 10.54 -17.60 -25.72
C GLY A 162 10.71 -18.55 -24.56
N LEU A 163 11.91 -18.51 -23.99
N LEU A 163 11.91 -18.53 -23.99
CA LEU A 163 12.24 -19.34 -22.85
CA LEU A 163 12.26 -19.38 -22.86
C LEU A 163 13.09 -18.48 -21.93
C LEU A 163 13.15 -18.55 -21.93
N TYR A 164 12.92 -18.66 -20.63
CA TYR A 164 13.70 -17.88 -19.69
C TYR A 164 13.78 -18.44 -18.28
N THR A 165 14.65 -17.80 -17.50
CA THR A 165 14.85 -18.17 -16.11
C THR A 165 15.17 -16.87 -15.34
N HIS A 166 15.22 -16.96 -14.03
CA HIS A 166 15.51 -15.78 -13.22
C HIS A 166 16.59 -16.14 -12.19
N PHE A 167 17.48 -15.18 -11.93
CA PHE A 167 18.58 -15.39 -10.99
C PHE A 167 18.22 -14.95 -9.58
N ALA A 168 18.65 -15.73 -8.59
CA ALA A 168 18.36 -15.45 -7.19
C ALA A 168 19.44 -14.63 -6.47
N THR A 169 20.65 -14.61 -7.00
CA THR A 169 21.75 -13.89 -6.36
C THR A 169 22.62 -13.01 -7.25
N ALA A 170 22.08 -12.58 -8.40
CA ALA A 170 22.83 -11.74 -9.33
C ALA A 170 23.36 -10.43 -8.73
N ASP A 171 22.75 -9.97 -7.64
CA ASP A 171 23.17 -8.73 -7.00
C ASP A 171 24.16 -8.95 -5.87
N GLU A 172 24.68 -10.17 -5.76
CA GLU A 172 25.65 -10.49 -4.72
C GLU A 172 27.05 -10.46 -5.31
N VAL A 173 27.99 -9.87 -4.56
CA VAL A 173 29.36 -9.78 -5.03
C VAL A 173 29.88 -11.14 -5.45
N ASN A 174 29.77 -12.12 -4.56
CA ASN A 174 30.21 -13.48 -4.87
C ASN A 174 29.26 -14.05 -5.92
N THR A 175 29.82 -14.66 -6.97
CA THR A 175 28.99 -15.20 -8.05
C THR A 175 28.89 -16.71 -8.13
N ASP A 176 29.11 -17.42 -7.02
CA ASP A 176 29.03 -18.88 -7.07
C ASP A 176 27.66 -19.39 -7.49
N TYR A 177 26.61 -19.00 -6.76
CA TYR A 177 25.27 -19.48 -7.10
C TYR A 177 24.84 -18.94 -8.47
N PHE A 178 25.23 -17.71 -8.79
CA PHE A 178 24.90 -17.12 -10.07
C PHE A 178 25.51 -17.95 -11.19
N SER A 179 26.77 -18.36 -11.02
CA SER A 179 27.45 -19.18 -12.02
C SER A 179 26.76 -20.53 -12.16
N TYR A 180 26.36 -21.11 -11.03
CA TYR A 180 25.68 -22.39 -11.07
C TYR A 180 24.41 -22.25 -11.91
N GLN A 181 23.64 -21.19 -11.63
CA GLN A 181 22.40 -20.95 -12.35
C GLN A 181 22.58 -20.70 -13.84
N TYR A 182 23.61 -19.95 -14.18
CA TYR A 182 23.91 -19.65 -15.58
C TYR A 182 24.19 -20.96 -16.31
N THR A 183 25.08 -21.76 -15.73
CA THR A 183 25.47 -23.05 -16.30
C THR A 183 24.31 -24.04 -16.38
N ARG A 184 23.44 -24.04 -15.38
CA ARG A 184 22.29 -24.93 -15.38
C ARG A 184 21.35 -24.50 -16.51
N PHE A 185 21.17 -23.20 -16.66
CA PHE A 185 20.32 -22.67 -17.72
C PHE A 185 20.80 -23.13 -19.09
N LEU A 186 22.11 -23.06 -19.32
CA LEU A 186 22.67 -23.49 -20.61
C LEU A 186 22.40 -24.96 -20.84
N HIS A 187 22.46 -25.75 -19.77
CA HIS A 187 22.22 -27.19 -19.85
C HIS A 187 20.76 -27.47 -20.18
N MET A 188 19.86 -26.79 -19.48
CA MET A 188 18.44 -26.97 -19.70
C MET A 188 17.96 -26.53 -21.08
N LEU A 189 18.60 -25.52 -21.65
CA LEU A 189 18.24 -25.02 -22.97
C LEU A 189 18.38 -26.11 -24.03
N GLU A 190 19.26 -27.06 -23.80
CA GLU A 190 19.48 -28.16 -24.73
C GLU A 190 18.33 -29.15 -24.77
N TRP A 191 17.42 -29.07 -23.79
CA TRP A 191 16.28 -29.98 -23.75
C TRP A 191 15.25 -29.64 -24.82
N LEU A 192 15.31 -28.43 -25.35
CA LEU A 192 14.36 -28.00 -26.37
C LEU A 192 14.75 -28.45 -27.76
N PRO A 193 13.80 -29.00 -28.53
CA PRO A 193 14.08 -29.46 -29.89
C PRO A 193 14.64 -28.34 -30.75
N SER A 194 14.20 -27.12 -30.51
CA SER A 194 14.70 -25.96 -31.25
C SER A 194 14.63 -24.71 -30.39
N ARG A 195 15.58 -23.80 -30.59
CA ARG A 195 15.66 -22.56 -29.82
C ARG A 195 14.58 -21.55 -30.18
N PRO A 196 13.75 -21.16 -29.19
CA PRO A 196 12.70 -20.19 -29.49
C PRO A 196 13.41 -18.87 -29.80
N PRO A 197 12.75 -17.97 -30.52
CA PRO A 197 13.34 -16.67 -30.89
C PRO A 197 13.83 -15.81 -29.73
N LEU A 198 13.15 -15.91 -28.58
CA LEU A 198 13.55 -15.11 -27.43
C LEU A 198 14.05 -15.89 -26.22
N VAL A 199 15.37 -15.87 -26.02
CA VAL A 199 16.01 -16.53 -24.90
C VAL A 199 16.44 -15.42 -23.94
N HIS A 200 16.08 -15.52 -22.67
CA HIS A 200 16.46 -14.49 -21.72
C HIS A 200 16.63 -14.97 -20.29
N CYS A 201 17.36 -14.19 -19.50
CA CYS A 201 17.62 -14.56 -18.10
C CYS A 201 18.03 -13.39 -17.21
N ALA A 202 18.63 -12.37 -17.80
CA ALA A 202 19.14 -11.22 -17.05
C ALA A 202 18.17 -10.20 -16.49
N ASN A 203 18.35 -9.88 -15.21
CA ASN A 203 17.57 -8.86 -14.52
C ASN A 203 18.49 -7.63 -14.51
N SER A 204 18.17 -6.61 -13.70
CA SER A 204 19.01 -5.42 -13.64
C SER A 204 20.48 -5.74 -13.35
N ALA A 205 20.71 -6.44 -12.24
CA ALA A 205 22.06 -6.80 -11.82
C ALA A 205 22.85 -7.60 -12.85
N ALA A 206 22.23 -8.64 -13.40
CA ALA A 206 22.89 -9.49 -14.37
C ALA A 206 23.23 -8.75 -15.66
N SER A 207 22.29 -7.91 -16.11
N SER A 207 22.30 -7.91 -16.13
CA SER A 207 22.46 -7.13 -17.33
CA SER A 207 22.53 -7.17 -17.36
C SER A 207 23.57 -6.09 -17.19
C SER A 207 23.59 -6.08 -17.18
N LEU A 208 23.57 -5.39 -16.05
CA LEU A 208 24.54 -4.34 -15.78
C LEU A 208 25.95 -4.85 -15.53
N ARG A 209 26.08 -5.97 -14.83
CA ARG A 209 27.39 -6.51 -14.53
C ARG A 209 27.98 -7.34 -15.66
N PHE A 210 27.15 -8.10 -16.36
CA PHE A 210 27.59 -8.97 -17.44
C PHE A 210 26.73 -8.78 -18.69
N PRO A 211 26.80 -7.60 -19.31
CA PRO A 211 26.02 -7.29 -20.50
C PRO A 211 26.27 -8.22 -21.69
N ASP A 212 27.43 -8.84 -21.73
CA ASP A 212 27.76 -9.74 -22.83
C ASP A 212 27.30 -11.17 -22.57
N ARG A 213 26.57 -11.37 -21.47
CA ARG A 213 26.05 -12.69 -21.11
C ARG A 213 24.54 -12.59 -20.97
N THR A 214 23.89 -11.89 -21.90
CA THR A 214 22.46 -11.68 -21.82
C THR A 214 21.57 -12.30 -22.91
N PHE A 215 22.16 -13.11 -23.79
CA PHE A 215 21.39 -13.76 -24.85
C PHE A 215 20.65 -12.74 -25.72
N ASN A 216 19.38 -12.94 -26.02
CA ASN A 216 18.71 -11.95 -26.88
C ASN A 216 17.73 -10.97 -26.27
N MET A 217 17.58 -10.97 -24.95
CA MET A 217 16.68 -10.02 -24.28
C MET A 217 16.88 -9.96 -22.78
N VAL A 218 16.81 -8.74 -22.23
CA VAL A 218 16.96 -8.55 -20.80
C VAL A 218 15.68 -7.97 -20.21
N ARG A 219 15.42 -8.28 -18.94
CA ARG A 219 14.25 -7.80 -18.23
C ARG A 219 14.75 -6.79 -17.19
N PHE A 220 14.74 -5.52 -17.58
CA PHE A 220 15.23 -4.43 -16.76
C PHE A 220 14.20 -3.93 -15.76
N GLY A 221 14.48 -4.19 -14.48
CA GLY A 221 13.58 -3.78 -13.43
C GLY A 221 14.09 -2.64 -12.56
N ILE A 222 14.56 -3.01 -11.37
CA ILE A 222 15.04 -2.05 -10.38
C ILE A 222 15.92 -0.89 -10.86
N ALA A 223 16.93 -1.16 -11.69
CA ALA A 223 17.83 -0.09 -12.16
C ALA A 223 17.15 0.94 -13.05
N MET A 224 16.04 0.57 -13.68
CA MET A 224 15.32 1.50 -14.54
C MET A 224 14.82 2.66 -13.68
N TYR A 225 14.47 2.36 -12.44
CA TYR A 225 13.98 3.36 -11.49
C TYR A 225 15.14 4.11 -10.85
N GLY A 226 16.35 3.76 -11.26
CA GLY A 226 17.54 4.40 -10.73
C GLY A 226 17.98 3.86 -9.38
N LEU A 227 17.51 2.67 -9.03
CA LEU A 227 17.85 2.06 -7.75
C LEU A 227 18.82 0.88 -7.93
N ALA A 228 19.89 0.87 -7.14
CA ALA A 228 20.88 -0.20 -7.22
C ALA A 228 20.26 -1.54 -6.85
N PRO A 229 20.55 -2.59 -7.63
CA PRO A 229 20.00 -3.90 -7.33
C PRO A 229 20.32 -4.27 -5.88
N SER A 230 21.47 -3.80 -5.40
CA SER A 230 21.89 -4.03 -4.02
C SER A 230 22.99 -3.03 -3.69
N PRO A 231 23.11 -2.63 -2.43
CA PRO A 231 24.17 -1.66 -2.10
C PRO A 231 25.52 -2.32 -2.38
N GLY A 232 25.54 -3.64 -2.29
CA GLY A 232 26.75 -4.41 -2.53
C GLY A 232 27.39 -4.23 -3.89
N ILE A 233 26.61 -4.11 -4.95
CA ILE A 233 27.19 -3.94 -6.27
C ILE A 233 27.26 -2.51 -6.79
N LYS A 234 26.93 -1.54 -5.94
CA LYS A 234 26.97 -0.13 -6.33
C LYS A 234 28.30 0.26 -6.99
N PRO A 235 29.43 -0.17 -6.40
CA PRO A 235 30.73 0.18 -7.00
C PRO A 235 30.99 -0.54 -8.32
N LEU A 236 30.19 -1.57 -8.60
CA LEU A 236 30.35 -2.34 -9.84
C LEU A 236 29.47 -1.80 -10.96
N LEU A 237 28.67 -0.79 -10.66
CA LEU A 237 27.78 -0.22 -11.67
C LEU A 237 28.54 0.47 -12.80
N PRO A 238 28.29 0.04 -14.05
CA PRO A 238 28.93 0.58 -15.25
C PRO A 238 28.65 2.07 -15.52
N TYR A 239 27.49 2.55 -15.09
CA TYR A 239 27.16 3.95 -15.27
C TYR A 239 26.32 4.44 -14.10
N PRO A 240 26.43 5.73 -13.77
CA PRO A 240 25.65 6.27 -12.65
C PRO A 240 24.14 6.24 -12.89
N LEU A 241 23.40 5.66 -11.93
CA LEU A 241 21.96 5.58 -12.02
C LEU A 241 21.33 6.89 -11.58
N LYS A 242 20.17 7.22 -12.15
CA LYS A 242 19.47 8.45 -11.78
C LYS A 242 18.18 8.10 -11.03
N GLU A 243 18.15 8.43 -9.74
CA GLU A 243 17.01 8.15 -8.88
C GLU A 243 15.77 8.88 -9.39
N ALA A 244 14.72 8.13 -9.72
CA ALA A 244 13.49 8.72 -10.25
C ALA A 244 12.44 9.12 -9.23
N PHE A 245 12.37 8.39 -8.13
CA PHE A 245 11.34 8.64 -7.12
C PHE A 245 11.73 9.53 -5.92
N SER A 246 10.83 10.42 -5.55
CA SER A 246 11.04 11.30 -4.39
C SER A 246 9.67 11.50 -3.73
N LEU A 247 9.66 11.72 -2.41
CA LEU A 247 8.42 11.87 -1.67
C LEU A 247 8.45 13.15 -0.83
N HIS A 248 7.36 13.91 -0.89
CA HIS A 248 7.31 15.21 -0.20
C HIS A 248 6.00 15.49 0.53
N SER A 249 6.01 16.50 1.39
CA SER A 249 4.83 16.91 2.14
C SER A 249 5.06 18.35 2.58
N ARG A 250 4.18 18.86 3.43
CA ARG A 250 4.31 20.23 3.93
C ARG A 250 3.82 20.25 5.36
N LEU A 251 4.31 21.19 6.15
CA LEU A 251 3.86 21.29 7.53
C LEU A 251 2.42 21.79 7.45
N VAL A 252 1.52 21.16 8.18
CA VAL A 252 0.13 21.61 8.19
C VAL A 252 -0.22 22.22 9.55
N HIS A 253 0.73 22.11 10.48
CA HIS A 253 0.57 22.70 11.81
C HIS A 253 1.92 22.85 12.47
N VAL A 254 2.08 23.95 13.21
CA VAL A 254 3.32 24.24 13.92
C VAL A 254 2.99 24.79 15.29
N LYS A 255 3.68 24.28 16.31
CA LYS A 255 3.45 24.74 17.67
C LYS A 255 4.67 24.58 18.58
N LYS A 256 4.75 25.44 19.58
CA LYS A 256 5.84 25.41 20.54
C LYS A 256 5.32 24.71 21.79
N LEU A 257 5.90 23.57 22.12
CA LEU A 257 5.48 22.82 23.29
C LEU A 257 6.22 23.25 24.54
N GLN A 258 5.55 23.10 25.68
CA GLN A 258 6.15 23.42 26.95
C GLN A 258 6.67 22.10 27.51
N PRO A 259 7.78 22.13 28.24
CA PRO A 259 8.34 20.92 28.82
C PRO A 259 7.30 20.11 29.59
N GLY A 260 7.19 18.83 29.25
CA GLY A 260 6.24 17.96 29.93
C GLY A 260 5.05 17.51 29.10
N GLU A 261 4.83 18.15 27.96
CA GLU A 261 3.70 17.78 27.10
C GLU A 261 3.95 16.54 26.25
N LYS A 262 2.95 15.67 26.18
CA LYS A 262 3.04 14.41 25.42
C LYS A 262 2.65 14.56 23.96
N VAL A 263 3.16 13.66 23.13
CA VAL A 263 2.87 13.68 21.70
C VAL A 263 2.52 12.31 21.13
N SER A 264 1.49 12.30 20.28
CA SER A 264 0.99 11.11 19.59
C SER A 264 0.46 10.02 20.52
N PHE A 265 0.00 8.92 19.91
CA PHE A 265 -0.57 7.80 20.64
C PHE A 265 0.31 7.12 21.68
N GLY A 266 -0.29 6.82 22.83
CA GLY A 266 0.42 6.18 23.91
C GLY A 266 1.17 7.15 24.80
N ALA A 267 1.16 8.44 24.43
CA ALA A 267 1.88 9.45 25.20
C ALA A 267 3.34 9.03 25.22
N THR A 268 3.73 8.32 24.16
CA THR A 268 5.07 7.80 23.96
C THR A 268 6.17 8.84 24.15
N TYR A 269 5.98 10.01 23.55
CA TYR A 269 6.96 11.08 23.65
C TYR A 269 6.57 12.17 24.63
N THR A 270 7.58 12.73 25.30
CA THR A 270 7.36 13.80 26.26
C THR A 270 8.46 14.85 26.07
N ALA A 271 8.06 16.08 25.77
CA ALA A 271 9.01 17.16 25.58
C ALA A 271 9.68 17.47 26.92
N GLN A 272 11.01 17.58 26.91
N GLN A 272 11.01 17.59 26.91
CA GLN A 272 11.76 17.87 28.12
CA GLN A 272 11.74 17.88 28.13
C GLN A 272 11.99 19.36 28.28
C GLN A 272 11.97 19.38 28.29
N THR A 273 12.08 20.09 27.17
CA THR A 273 12.29 21.53 27.19
C THR A 273 11.44 22.18 26.10
N GLU A 274 11.57 23.50 25.96
CA GLU A 274 10.81 24.25 24.96
C GLU A 274 11.28 23.94 23.55
N GLU A 275 10.41 23.33 22.76
CA GLU A 275 10.75 22.96 21.40
C GLU A 275 9.59 23.15 20.44
N TRP A 276 9.90 23.21 19.15
CA TRP A 276 8.88 23.38 18.13
C TRP A 276 8.58 22.05 17.45
N ILE A 277 7.29 21.77 17.31
CA ILE A 277 6.84 20.53 16.71
C ILE A 277 5.98 20.81 15.50
N GLY A 278 6.27 20.13 14.40
CA GLY A 278 5.49 20.31 13.21
C GLY A 278 4.69 19.05 12.95
N THR A 279 3.57 19.19 12.27
CA THR A 279 2.74 18.04 11.94
C THR A 279 2.65 17.98 10.42
N ILE A 280 2.86 16.79 9.86
CA ILE A 280 2.79 16.64 8.42
C ILE A 280 1.69 15.63 8.08
N PRO A 281 0.99 15.86 6.96
CA PRO A 281 -0.09 14.99 6.51
C PRO A 281 0.31 13.71 5.78
N ILE A 282 1.10 12.87 6.45
CA ILE A 282 1.50 11.58 5.89
C ILE A 282 1.61 10.61 7.06
N GLY A 283 1.06 9.42 6.87
CA GLY A 283 1.09 8.41 7.91
C GLY A 283 1.26 7.01 7.33
N TYR A 284 1.13 5.99 8.16
CA TYR A 284 1.32 4.63 7.67
C TYR A 284 0.35 4.12 6.61
N ALA A 285 -0.82 4.75 6.48
CA ALA A 285 -1.77 4.33 5.46
C ALA A 285 -1.24 4.81 4.10
N ASP A 286 -0.18 5.60 4.12
CA ASP A 286 0.43 6.12 2.89
C ASP A 286 1.70 5.35 2.57
N GLY A 287 2.06 4.41 3.44
CA GLY A 287 3.27 3.65 3.20
C GLY A 287 4.43 4.13 4.05
N TRP A 288 4.17 5.14 4.87
CA TRP A 288 5.20 5.65 5.78
C TRP A 288 4.96 4.86 7.07
N LEU A 289 5.40 3.61 7.04
CA LEU A 289 5.22 2.67 8.14
C LEU A 289 5.65 3.13 9.54
N ARG A 290 4.96 2.60 10.55
CA ARG A 290 5.23 2.92 11.94
C ARG A 290 6.68 2.60 12.31
N ARG A 291 7.24 1.62 11.61
CA ARG A 291 8.61 1.16 11.83
C ARG A 291 9.64 2.28 11.63
N LEU A 292 9.21 3.36 10.98
CA LEU A 292 10.09 4.50 10.74
C LEU A 292 10.08 5.53 11.86
N GLN A 293 9.51 5.20 13.01
CA GLN A 293 9.44 6.20 14.07
C GLN A 293 10.76 6.74 14.61
N HIS A 294 11.85 6.01 14.41
CA HIS A 294 13.13 6.51 14.88
C HIS A 294 13.92 7.13 13.74
N PHE A 295 13.25 7.31 12.60
CA PHE A 295 13.87 7.90 11.40
C PHE A 295 13.69 9.41 11.42
N HIS A 296 13.93 10.04 10.27
CA HIS A 296 13.81 11.50 10.19
C HIS A 296 13.38 11.95 8.79
N VAL A 297 13.19 13.26 8.63
CA VAL A 297 12.81 13.86 7.36
C VAL A 297 13.66 15.11 7.12
N LEU A 298 13.52 15.70 5.94
CA LEU A 298 14.27 16.91 5.62
C LEU A 298 13.32 18.10 5.63
N VAL A 299 13.70 19.16 6.34
CA VAL A 299 12.88 20.37 6.42
C VAL A 299 13.80 21.57 6.58
N ASP A 300 13.58 22.61 5.79
CA ASP A 300 14.40 23.80 5.91
C ASP A 300 15.86 23.44 5.59
N GLY A 301 16.04 22.41 4.76
CA GLY A 301 17.37 21.99 4.38
C GLY A 301 18.12 21.20 5.43
N GLN A 302 17.41 20.68 6.43
CA GLN A 302 18.05 19.91 7.48
C GLN A 302 17.26 18.69 7.94
N LYS A 303 17.94 17.83 8.70
CA LYS A 303 17.32 16.62 9.22
C LYS A 303 16.43 16.93 10.42
N ALA A 304 15.17 16.50 10.37
CA ALA A 304 14.24 16.73 11.45
C ALA A 304 13.71 15.38 11.93
N PRO A 305 14.09 14.96 13.14
CA PRO A 305 13.62 13.68 13.66
C PRO A 305 12.13 13.55 13.86
N ILE A 306 11.61 12.35 13.59
CA ILE A 306 10.21 12.07 13.79
C ILE A 306 10.07 11.90 15.31
N VAL A 307 8.98 12.41 15.87
CA VAL A 307 8.78 12.31 17.31
C VAL A 307 7.50 11.56 17.66
N GLY A 308 7.58 10.68 18.64
CA GLY A 308 6.43 9.91 19.04
C GLY A 308 6.08 8.89 17.96
N ARG A 309 4.90 8.31 18.06
CA ARG A 309 4.48 7.32 17.08
C ARG A 309 3.86 7.89 15.82
N ILE A 310 4.06 7.18 14.71
CA ILE A 310 3.52 7.60 13.43
C ILE A 310 2.06 7.16 13.38
N CYS A 311 1.17 8.10 13.06
N CYS A 311 1.17 8.10 13.05
CA CYS A 311 -0.25 7.80 12.98
CA CYS A 311 -0.26 7.83 12.97
C CYS A 311 -0.62 7.34 11.57
C CYS A 311 -0.62 7.35 11.57
N MET A 312 -1.89 6.99 11.39
CA MET A 312 -2.38 6.50 10.11
C MET A 312 -2.26 7.51 8.98
N ASP A 313 -2.53 8.78 9.30
CA ASP A 313 -2.52 9.83 8.29
C ASP A 313 -1.56 10.96 8.56
N GLN A 314 -0.84 10.89 9.67
CA GLN A 314 0.12 11.93 9.97
C GLN A 314 1.14 11.55 11.02
N CYS A 315 2.16 12.39 11.15
CA CYS A 315 3.20 12.18 12.13
C CYS A 315 3.77 13.53 12.51
N MET A 316 4.46 13.56 13.64
CA MET A 316 5.06 14.78 14.15
C MET A 316 6.59 14.74 14.09
N ILE A 317 7.21 15.91 13.92
CA ILE A 317 8.65 16.00 13.84
C ILE A 317 9.15 17.19 14.66
N ARG A 318 10.34 17.04 15.25
CA ARG A 318 10.93 18.13 16.03
C ARG A 318 11.59 19.11 15.05
N LEU A 319 11.10 20.34 15.04
CA LEU A 319 11.65 21.36 14.14
C LEU A 319 12.85 22.05 14.77
N PRO A 320 13.77 22.56 13.93
CA PRO A 320 14.96 23.25 14.43
C PRO A 320 14.56 24.60 15.03
N GLY A 321 13.32 24.99 14.79
CA GLY A 321 12.81 26.25 15.30
C GLY A 321 11.48 26.60 14.66
N PRO A 322 10.98 27.82 14.86
CA PRO A 322 9.70 28.24 14.28
C PRO A 322 9.76 28.29 12.75
N LEU A 323 8.77 27.68 12.12
CA LEU A 323 8.69 27.64 10.66
C LEU A 323 7.22 27.80 10.27
N PRO A 324 6.96 28.44 9.13
CA PRO A 324 5.59 28.64 8.66
C PRO A 324 4.89 27.39 8.14
N VAL A 325 3.57 27.37 8.35
CA VAL A 325 2.76 26.27 7.88
C VAL A 325 2.94 26.31 6.37
N GLY A 326 3.09 25.15 5.75
CA GLY A 326 3.29 25.12 4.31
C GLY A 326 4.73 24.88 3.93
N THR A 327 5.64 24.95 4.91
CA THR A 327 7.06 24.72 4.63
C THR A 327 7.18 23.30 4.08
N LYS A 328 7.89 23.17 2.96
CA LYS A 328 8.06 21.88 2.33
C LYS A 328 8.90 20.90 3.14
N VAL A 329 8.44 19.65 3.17
CA VAL A 329 9.11 18.58 3.89
C VAL A 329 9.46 17.51 2.86
N THR A 330 10.69 17.00 2.92
CA THR A 330 11.09 15.97 1.99
C THR A 330 11.37 14.70 2.77
N LEU A 331 10.63 13.64 2.45
CA LEU A 331 10.78 12.34 3.12
C LEU A 331 11.82 11.53 2.36
N ILE A 332 11.79 11.68 1.04
CA ILE A 332 12.72 10.99 0.15
C ILE A 332 13.09 11.99 -0.93
N GLY A 333 14.36 12.40 -0.96
CA GLY A 333 14.81 13.37 -1.94
C GLY A 333 15.93 14.22 -1.39
N ARG A 334 16.18 15.37 -2.01
CA ARG A 334 17.24 16.24 -1.55
C ARG A 334 16.81 17.65 -1.19
N GLN A 335 17.37 18.17 -0.11
CA GLN A 335 17.09 19.53 0.31
C GLN A 335 18.44 20.13 0.65
N GLY A 336 18.90 21.05 -0.20
CA GLY A 336 20.19 21.68 0.01
C GLY A 336 21.31 20.66 -0.09
N ASP A 337 22.06 20.49 0.99
CA ASP A 337 23.17 19.53 1.01
C ASP A 337 22.83 18.30 1.84
N GLU A 338 21.54 18.04 1.99
CA GLU A 338 21.08 16.86 2.71
C GLU A 338 20.29 16.03 1.73
N VAL A 339 20.24 14.72 1.98
CA VAL A 339 19.51 13.84 1.08
C VAL A 339 19.12 12.54 1.75
N ILE A 340 17.91 12.09 1.44
CA ILE A 340 17.42 10.83 1.96
C ILE A 340 17.09 10.00 0.73
N SER A 341 17.75 8.87 0.57
CA SER A 341 17.49 8.01 -0.58
C SER A 341 16.58 6.88 -0.20
N ILE A 342 16.03 6.19 -1.21
CA ILE A 342 15.17 5.05 -0.93
C ILE A 342 16.03 4.02 -0.19
N ASP A 343 17.31 3.93 -0.56
CA ASP A 343 18.20 2.99 0.11
C ASP A 343 18.29 3.34 1.60
N ASP A 344 18.33 4.64 1.91
CA ASP A 344 18.41 5.07 3.31
C ASP A 344 17.18 4.59 4.07
N VAL A 345 16.00 4.77 3.47
CA VAL A 345 14.73 4.35 4.10
C VAL A 345 14.73 2.83 4.27
N ALA A 346 15.20 2.12 3.25
CA ALA A 346 15.25 0.67 3.29
C ALA A 346 16.14 0.15 4.40
N ARG A 347 17.33 0.73 4.53
CA ARG A 347 18.28 0.30 5.55
C ARG A 347 17.68 0.44 6.95
N HIS A 348 17.04 1.58 7.21
CA HIS A 348 16.44 1.85 8.52
C HIS A 348 15.34 0.84 8.82
N LEU A 349 14.48 0.59 7.82
CA LEU A 349 13.37 -0.35 7.94
C LEU A 349 13.83 -1.80 7.93
N GLU A 350 15.11 -2.02 7.64
CA GLU A 350 15.65 -3.36 7.54
C GLU A 350 14.87 -4.13 6.47
N THR A 351 14.87 -3.60 5.26
CA THR A 351 14.23 -4.25 4.12
C THR A 351 15.06 -3.84 2.91
N ILE A 352 14.59 -4.15 1.71
CA ILE A 352 15.32 -3.77 0.50
C ILE A 352 14.64 -2.60 -0.18
N ASN A 353 15.37 -1.89 -1.03
CA ASN A 353 14.81 -0.74 -1.71
C ASN A 353 13.55 -1.05 -2.54
N TYR A 354 13.49 -2.24 -3.15
CA TYR A 354 12.32 -2.63 -3.95
C TYR A 354 11.00 -2.38 -3.23
N GLU A 355 10.94 -2.81 -1.97
CA GLU A 355 9.72 -2.72 -1.18
C GLU A 355 9.24 -1.31 -0.82
N VAL A 356 10.16 -0.38 -0.66
CA VAL A 356 9.78 0.98 -0.28
C VAL A 356 8.82 1.74 -1.21
N PRO A 357 9.17 1.87 -2.50
CA PRO A 357 8.24 2.60 -3.39
C PRO A 357 6.93 1.86 -3.62
N CYS A 358 6.99 0.53 -3.61
CA CYS A 358 5.78 -0.27 -3.81
C CYS A 358 4.81 -0.03 -2.66
N THR A 359 5.34 0.28 -1.48
CA THR A 359 4.51 0.49 -0.29
C THR A 359 3.89 1.88 -0.21
N ILE A 360 4.45 2.87 -0.91
CA ILE A 360 3.85 4.19 -0.90
C ILE A 360 2.51 3.92 -1.61
N SER A 361 1.43 3.98 -0.84
CA SER A 361 0.09 3.64 -1.35
C SER A 361 -0.61 4.46 -2.41
N TYR A 362 -1.73 3.89 -2.89
CA TYR A 362 -2.58 4.49 -3.91
C TYR A 362 -3.01 5.89 -3.51
N ARG A 363 -3.04 6.11 -2.19
CA ARG A 363 -3.45 7.37 -1.59
C ARG A 363 -2.52 8.53 -1.92
N VAL A 364 -1.30 8.20 -2.34
CA VAL A 364 -0.32 9.24 -2.64
C VAL A 364 -0.23 9.55 -4.12
N PRO A 365 -0.54 10.80 -4.48
CA PRO A 365 -0.48 11.24 -5.87
C PRO A 365 0.95 11.21 -6.41
N ARG A 366 1.08 10.88 -7.69
CA ARG A 366 2.38 10.86 -8.35
C ARG A 366 2.41 11.98 -9.38
N ILE A 367 3.35 12.90 -9.23
CA ILE A 367 3.49 14.00 -10.17
C ILE A 367 4.62 13.59 -11.11
N PHE A 368 4.38 13.67 -12.41
CA PHE A 368 5.38 13.27 -13.38
C PHE A 368 6.11 14.43 -14.02
N PHE A 369 7.44 14.31 -14.08
CA PHE A 369 8.26 15.32 -14.70
C PHE A 369 8.92 14.77 -15.95
N ARG A 370 8.97 15.59 -17.00
CA ARG A 370 9.61 15.21 -18.24
C ARG A 370 10.19 16.52 -18.78
N HIS A 371 11.45 16.46 -19.20
CA HIS A 371 12.14 17.63 -19.72
C HIS A 371 12.11 18.76 -18.69
N LYS A 372 12.28 18.38 -17.42
CA LYS A 372 12.31 19.30 -16.30
C LYS A 372 11.04 20.10 -16.01
N ARG A 373 9.91 19.67 -16.57
CA ARG A 373 8.64 20.35 -16.31
C ARG A 373 7.57 19.31 -15.97
N ILE A 374 6.60 19.70 -15.15
CA ILE A 374 5.52 18.77 -14.79
C ILE A 374 4.76 18.37 -16.05
N MET A 375 4.71 17.07 -16.31
CA MET A 375 4.04 16.53 -17.50
C MET A 375 2.59 16.16 -17.21
N GLU A 376 2.35 15.49 -16.09
CA GLU A 376 1.02 15.09 -15.70
C GLU A 376 0.98 14.69 -14.24
N VAL A 377 -0.22 14.58 -13.69
CA VAL A 377 -0.40 14.20 -12.31
C VAL A 377 -1.34 13.01 -12.27
N ARG A 378 -1.05 12.06 -11.41
CA ARG A 378 -1.88 10.88 -11.27
C ARG A 378 -2.32 10.74 -9.82
N ASN A 379 -3.63 10.85 -9.59
CA ASN A 379 -4.20 10.74 -8.26
C ASN A 379 -5.15 9.55 -8.33
N ALA A 380 -4.75 8.43 -7.76
CA ALA A 380 -5.56 7.22 -7.79
C ALA A 380 -6.99 7.39 -7.27
N ILE A 381 -7.20 8.29 -6.32
CA ILE A 381 -8.55 8.49 -5.81
C ILE A 381 -9.18 9.81 -6.25
N GLY A 382 -8.53 10.48 -7.21
CA GLY A 382 -9.04 11.75 -7.70
C GLY A 382 -10.32 11.57 -8.50
N ARG A 383 -11.12 12.64 -8.55
CA ARG A 383 -12.39 12.61 -9.28
C ARG A 383 -12.17 12.11 -10.71
N ASN B 2 -17.06 -6.35 -11.14
CA ASN B 2 -15.58 -6.28 -11.16
C ASN B 2 -14.95 -7.67 -11.15
N ASP B 3 -14.30 -8.07 -12.24
CA ASP B 3 -13.64 -9.36 -12.26
C ASP B 3 -12.14 -9.13 -12.15
N PHE B 4 -11.41 -10.16 -11.72
CA PHE B 4 -9.97 -10.08 -11.59
C PHE B 4 -9.37 -11.37 -12.14
N HIS B 5 -8.09 -11.35 -12.46
CA HIS B 5 -7.46 -12.52 -13.06
C HIS B 5 -6.17 -13.04 -12.46
N ARG B 6 -6.14 -13.10 -11.14
CA ARG B 6 -5.01 -13.62 -10.39
C ARG B 6 -5.67 -14.21 -9.17
N ASP B 7 -5.24 -15.38 -8.72
CA ASP B 7 -5.89 -16.00 -7.59
C ASP B 7 -5.48 -15.52 -6.20
N THR B 8 -5.65 -14.21 -5.98
CA THR B 8 -5.34 -13.58 -4.71
C THR B 8 -6.41 -12.53 -4.45
N TRP B 9 -6.97 -12.56 -3.26
CA TRP B 9 -8.02 -11.62 -2.94
C TRP B 9 -8.29 -11.52 -1.46
N ALA B 10 -8.94 -10.43 -1.07
CA ALA B 10 -9.32 -10.22 0.33
C ALA B 10 -10.84 -10.33 0.36
N GLU B 11 -11.38 -10.71 1.50
CA GLU B 11 -12.82 -10.84 1.66
C GLU B 11 -13.28 -9.94 2.78
N VAL B 12 -14.28 -9.12 2.50
CA VAL B 12 -14.82 -8.22 3.51
C VAL B 12 -16.24 -8.62 3.82
N ASP B 13 -16.46 -9.10 5.04
CA ASP B 13 -17.78 -9.50 5.48
C ASP B 13 -18.51 -8.27 6.03
N LEU B 14 -19.39 -7.70 5.22
CA LEU B 14 -20.12 -6.52 5.64
C LEU B 14 -21.08 -6.78 6.79
N ASP B 15 -21.44 -8.05 6.99
CA ASP B 15 -22.32 -8.41 8.11
C ASP B 15 -21.58 -8.15 9.42
N ALA B 16 -20.27 -8.38 9.42
CA ALA B 16 -19.45 -8.15 10.60
C ALA B 16 -19.45 -6.65 10.92
N ILE B 17 -19.30 -5.84 9.89
CA ILE B 17 -19.31 -4.39 10.03
C ILE B 17 -20.67 -3.91 10.52
N TYR B 18 -21.74 -4.44 9.94
CA TYR B 18 -23.08 -4.05 10.33
C TYR B 18 -23.29 -4.33 11.82
N ASP B 19 -22.93 -5.55 12.23
CA ASP B 19 -23.09 -5.96 13.62
C ASP B 19 -22.29 -5.14 14.63
N ASN B 20 -21.04 -4.82 14.28
CA ASN B 20 -20.20 -4.05 15.19
C ASN B 20 -20.82 -2.68 15.42
N VAL B 21 -21.39 -2.12 14.35
CA VAL B 21 -22.02 -0.82 14.44
C VAL B 21 -23.34 -0.91 15.20
N GLU B 22 -24.12 -1.95 14.93
CA GLU B 22 -25.41 -2.12 15.60
C GLU B 22 -25.23 -2.23 17.11
N ASN B 23 -24.27 -3.04 17.53
CA ASN B 23 -24.02 -3.23 18.95
C ASN B 23 -23.59 -1.94 19.64
N LEU B 24 -22.87 -1.07 18.92
CA LEU B 24 -22.47 0.20 19.49
C LEU B 24 -23.72 1.08 19.69
N ARG B 25 -24.62 1.01 18.73
CA ARG B 25 -25.87 1.79 18.77
C ARG B 25 -26.67 1.42 20.04
N ARG B 26 -26.76 0.11 20.31
CA ARG B 26 -27.48 -0.39 21.47
C ARG B 26 -26.82 0.09 22.77
N LEU B 27 -25.50 0.06 22.80
CA LEU B 27 -24.73 0.45 23.98
C LEU B 27 -24.82 1.94 24.30
N LEU B 28 -24.76 2.76 23.27
CA LEU B 28 -24.79 4.21 23.42
C LEU B 28 -26.14 4.83 23.75
N PRO B 29 -26.15 5.94 24.51
N PRO B 29 -26.15 5.92 24.53
CA PRO B 29 -27.39 6.61 24.87
CA PRO B 29 -27.42 6.58 24.88
C PRO B 29 -28.06 7.10 23.59
C PRO B 29 -28.06 7.11 23.60
N ASP B 30 -29.39 7.18 23.59
CA ASP B 30 -30.12 7.65 22.40
C ASP B 30 -29.63 8.97 21.83
N ASP B 31 -29.17 9.87 22.69
CA ASP B 31 -28.71 11.19 22.25
C ASP B 31 -27.29 11.24 21.65
N THR B 32 -26.60 10.11 21.60
CA THR B 32 -25.25 10.10 21.03
C THR B 32 -25.27 9.56 19.61
N HIS B 33 -24.82 10.36 18.65
CA HIS B 33 -24.80 9.94 17.25
C HIS B 33 -23.55 9.12 16.96
N ILE B 34 -23.55 8.43 15.83
CA ILE B 34 -22.40 7.60 15.45
C ILE B 34 -21.82 8.04 14.12
N MET B 35 -20.56 8.44 14.13
CA MET B 35 -19.85 8.88 12.93
C MET B 35 -18.88 7.79 12.51
N ALA B 36 -19.18 7.11 11.41
CA ALA B 36 -18.32 6.03 10.93
C ALA B 36 -17.02 6.58 10.34
N VAL B 37 -15.89 6.14 10.89
CA VAL B 37 -14.60 6.60 10.41
C VAL B 37 -14.13 5.68 9.29
N VAL B 38 -14.19 6.18 8.06
CA VAL B 38 -13.81 5.39 6.91
C VAL B 38 -12.63 5.92 6.11
N LYS B 39 -11.68 6.56 6.78
CA LYS B 39 -10.51 7.05 6.05
C LYS B 39 -9.66 5.87 5.59
N ALA B 40 -8.68 6.15 4.73
CA ALA B 40 -7.79 5.12 4.21
C ALA B 40 -8.58 4.01 3.55
N ASN B 41 -9.54 4.39 2.71
CA ASN B 41 -10.39 3.43 2.02
C ASN B 41 -11.02 2.52 3.06
N ALA B 42 -11.50 3.15 4.13
CA ALA B 42 -12.13 2.43 5.24
C ALA B 42 -11.15 1.40 5.81
N TYR B 43 -9.97 1.87 6.21
CA TYR B 43 -8.96 0.99 6.79
C TYR B 43 -8.68 -0.22 5.89
N GLY B 44 -8.69 -0.01 4.58
CA GLY B 44 -8.42 -1.10 3.65
C GLY B 44 -9.59 -2.04 3.39
N HIS B 45 -10.77 -1.73 3.93
CA HIS B 45 -11.95 -2.58 3.75
C HIS B 45 -12.91 -2.13 2.64
N GLY B 46 -12.72 -0.93 2.10
CA GLY B 46 -13.60 -0.43 1.04
C GLY B 46 -14.47 0.72 1.53
N ASP B 47 -14.10 1.95 1.16
CA ASP B 47 -14.81 3.14 1.59
C ASP B 47 -16.33 3.18 1.40
N VAL B 48 -16.80 3.03 0.17
CA VAL B 48 -18.25 3.06 -0.04
C VAL B 48 -19.00 1.88 0.57
N GLN B 49 -18.45 0.68 0.42
CA GLN B 49 -19.10 -0.51 0.95
C GLN B 49 -19.27 -0.45 2.47
N VAL B 50 -18.21 -0.07 3.17
CA VAL B 50 -18.28 0.03 4.61
C VAL B 50 -19.20 1.19 5.00
N ALA B 51 -19.10 2.30 4.27
CA ALA B 51 -19.89 3.50 4.54
C ALA B 51 -21.40 3.27 4.50
N ARG B 52 -21.88 2.65 3.42
CA ARG B 52 -23.31 2.41 3.26
C ARG B 52 -23.81 1.42 4.29
N THR B 53 -22.97 0.45 4.65
CA THR B 53 -23.35 -0.56 5.63
C THR B 53 -23.42 0.03 7.04
N ALA B 54 -22.49 0.91 7.35
CA ALA B 54 -22.49 1.53 8.67
C ALA B 54 -23.74 2.41 8.79
N LEU B 55 -24.08 3.12 7.71
CA LEU B 55 -25.26 3.98 7.72
C LEU B 55 -26.53 3.16 7.97
N GLU B 56 -26.54 1.94 7.44
CA GLU B 56 -27.67 1.01 7.62
C GLU B 56 -27.79 0.58 9.08
N ALA B 57 -26.65 0.33 9.71
CA ALA B 57 -26.61 -0.12 11.09
C ALA B 57 -26.88 0.94 12.15
N GLY B 58 -26.97 2.21 11.75
CA GLY B 58 -27.24 3.24 12.73
C GLY B 58 -26.35 4.47 12.69
N ALA B 59 -25.29 4.43 11.88
CA ALA B 59 -24.40 5.58 11.76
C ALA B 59 -25.12 6.61 10.88
N SER B 60 -24.94 7.89 11.20
CA SER B 60 -25.59 8.94 10.43
C SER B 60 -24.58 9.85 9.73
N ARG B 61 -23.31 9.77 10.15
CA ARG B 61 -22.27 10.60 9.57
C ARG B 61 -21.02 9.81 9.26
N LEU B 62 -20.14 10.40 8.45
CA LEU B 62 -18.89 9.77 8.06
C LEU B 62 -17.70 10.70 8.30
N ALA B 63 -16.51 10.10 8.44
CA ALA B 63 -15.29 10.86 8.67
C ALA B 63 -14.19 10.31 7.76
N VAL B 64 -13.35 11.22 7.27
CA VAL B 64 -12.27 10.83 6.39
C VAL B 64 -11.00 11.59 6.78
N ALA B 65 -9.84 11.19 6.25
CA ALA B 65 -8.56 11.84 6.59
C ALA B 65 -8.31 13.17 5.90
N PHE B 66 -8.46 13.20 4.59
CA PHE B 66 -8.27 14.43 3.82
C PHE B 66 -9.32 14.57 2.75
N LEU B 67 -9.44 15.79 2.22
CA LEU B 67 -10.44 16.13 1.22
C LEU B 67 -10.65 15.14 0.08
N ASP B 68 -9.56 14.67 -0.53
CA ASP B 68 -9.69 13.74 -1.66
C ASP B 68 -10.54 12.54 -1.28
N GLU B 69 -10.36 12.04 -0.06
CA GLU B 69 -11.12 10.88 0.36
C GLU B 69 -12.61 11.19 0.45
N ALA B 70 -12.95 12.43 0.79
CA ALA B 70 -14.34 12.83 0.89
C ALA B 70 -14.93 12.99 -0.52
N LEU B 71 -14.12 13.49 -1.44
CA LEU B 71 -14.56 13.67 -2.82
C LEU B 71 -14.78 12.31 -3.50
N ALA B 72 -13.94 11.33 -3.16
CA ALA B 72 -14.07 10.00 -3.76
C ALA B 72 -15.39 9.35 -3.37
N LEU B 73 -15.80 9.60 -2.12
CA LEU B 73 -17.07 9.07 -1.63
C LEU B 73 -18.23 9.73 -2.38
N ARG B 74 -18.17 11.06 -2.52
CA ARG B 74 -19.21 11.78 -3.25
C ARG B 74 -19.32 11.28 -4.69
N GLU B 75 -18.17 11.09 -5.33
CA GLU B 75 -18.16 10.61 -6.71
C GLU B 75 -18.77 9.21 -6.81
N LYS B 76 -18.65 8.43 -5.75
CA LYS B 76 -19.18 7.07 -5.77
C LYS B 76 -20.66 6.97 -5.36
N GLY B 77 -21.32 8.12 -5.21
CA GLY B 77 -22.73 8.09 -4.85
C GLY B 77 -23.09 8.24 -3.39
N ILE B 78 -22.12 8.49 -2.52
CA ILE B 78 -22.41 8.67 -1.11
C ILE B 78 -22.74 10.15 -0.88
N GLU B 79 -23.93 10.40 -0.32
CA GLU B 79 -24.38 11.76 -0.08
C GLU B 79 -24.49 12.09 1.42
N ALA B 80 -24.12 11.13 2.26
CA ALA B 80 -24.20 11.34 3.70
C ALA B 80 -23.19 12.40 4.13
N PRO B 81 -23.40 13.02 5.30
CA PRO B 81 -22.49 14.05 5.79
C PRO B 81 -21.07 13.51 5.97
N ILE B 82 -20.08 14.30 5.60
CA ILE B 82 -18.68 13.87 5.73
C ILE B 82 -17.80 14.92 6.37
N LEU B 83 -16.97 14.48 7.32
CA LEU B 83 -16.05 15.38 7.99
C LEU B 83 -14.62 14.97 7.68
N VAL B 84 -13.83 15.95 7.26
CA VAL B 84 -12.41 15.75 6.99
C VAL B 84 -11.75 15.97 8.37
N LEU B 85 -11.11 14.94 8.90
CA LEU B 85 -10.45 15.03 10.21
C LEU B 85 -9.12 15.79 10.20
N GLY B 86 -8.42 15.75 9.07
CA GLY B 86 -7.14 16.41 8.97
C GLY B 86 -7.13 17.78 8.33
N ALA B 87 -5.95 18.25 7.95
CA ALA B 87 -5.78 19.56 7.34
C ALA B 87 -6.27 19.65 5.90
N SER B 88 -6.55 20.87 5.48
CA SER B 88 -7.03 21.14 4.12
C SER B 88 -6.50 22.53 3.72
N ARG B 89 -6.60 22.86 2.44
CA ARG B 89 -6.12 24.15 1.96
C ARG B 89 -7.21 25.19 2.00
N PRO B 90 -6.90 26.41 2.46
CA PRO B 90 -7.93 27.46 2.51
C PRO B 90 -8.49 27.70 1.11
N ALA B 91 -7.67 27.46 0.10
CA ALA B 91 -8.06 27.64 -1.29
C ALA B 91 -9.11 26.62 -1.72
N ASP B 92 -9.16 25.50 -1.01
CA ASP B 92 -10.13 24.45 -1.33
C ASP B 92 -11.45 24.58 -0.54
N ALA B 93 -11.63 25.68 0.18
CA ALA B 93 -12.84 25.87 0.96
C ALA B 93 -14.10 25.85 0.07
N ALA B 94 -14.04 26.55 -1.07
CA ALA B 94 -15.18 26.60 -1.96
C ALA B 94 -15.59 25.22 -2.46
N LEU B 95 -14.60 24.40 -2.81
CA LEU B 95 -14.86 23.04 -3.28
C LEU B 95 -15.52 22.21 -2.19
N ALA B 96 -14.95 22.25 -0.99
CA ALA B 96 -15.51 21.50 0.13
C ALA B 96 -16.97 21.89 0.32
N ALA B 97 -17.22 23.20 0.35
CA ALA B 97 -18.57 23.71 0.54
C ALA B 97 -19.52 23.28 -0.58
N GLN B 98 -19.06 23.43 -1.82
CA GLN B 98 -19.88 23.05 -2.96
C GLN B 98 -20.22 21.56 -2.87
N GLN B 99 -19.30 20.78 -2.31
CA GLN B 99 -19.50 19.34 -2.18
C GLN B 99 -20.12 18.92 -0.84
N ARG B 100 -20.59 19.89 -0.06
CA ARG B 100 -21.20 19.61 1.23
C ARG B 100 -20.29 18.79 2.17
N ILE B 101 -19.02 19.15 2.21
CA ILE B 101 -18.05 18.47 3.06
C ILE B 101 -17.62 19.39 4.20
N ALA B 102 -17.77 18.92 5.43
CA ALA B 102 -17.39 19.71 6.61
C ALA B 102 -15.87 19.59 6.80
N LEU B 103 -15.27 20.66 7.32
CA LEU B 103 -13.83 20.69 7.53
C LEU B 103 -13.37 20.93 8.96
N THR B 104 -12.23 20.34 9.30
CA THR B 104 -11.64 20.52 10.62
C THR B 104 -10.81 21.79 10.52
N VAL B 105 -10.82 22.59 11.58
CA VAL B 105 -10.05 23.83 11.62
C VAL B 105 -9.43 23.99 13.01
N PHE B 106 -8.26 24.63 13.09
CA PHE B 106 -7.58 24.78 14.37
C PHE B 106 -6.63 25.96 14.43
N ARG B 107 -6.56 26.75 13.37
CA ARG B 107 -5.68 27.92 13.32
C ARG B 107 -6.48 29.14 12.83
N SER B 108 -6.24 30.30 13.43
CA SER B 108 -6.95 31.51 13.01
C SER B 108 -6.49 31.98 11.63
N ASP B 109 -5.20 31.86 11.35
CA ASP B 109 -4.71 32.31 10.04
C ASP B 109 -5.35 31.52 8.90
N TRP B 110 -5.76 30.29 9.18
CA TRP B 110 -6.39 29.46 8.15
C TRP B 110 -7.69 30.15 7.75
N LEU B 111 -8.50 30.51 8.75
CA LEU B 111 -9.77 31.17 8.50
C LEU B 111 -9.60 32.52 7.80
N GLU B 112 -8.58 33.26 8.18
CA GLU B 112 -8.32 34.56 7.55
C GLU B 112 -8.01 34.36 6.08
N GLU B 113 -7.16 33.39 5.78
CA GLU B 113 -6.80 33.08 4.40
C GLU B 113 -8.05 32.62 3.65
N ALA B 114 -8.86 31.81 4.31
CA ALA B 114 -10.09 31.29 3.71
C ALA B 114 -11.10 32.38 3.47
N SER B 115 -11.20 33.34 4.39
CA SER B 115 -12.15 34.43 4.25
C SER B 115 -11.83 35.30 3.04
N ALA B 116 -10.55 35.52 2.80
CA ALA B 116 -10.11 36.33 1.68
C ALA B 116 -10.35 35.63 0.35
N LEU B 117 -10.40 34.31 0.37
CA LEU B 117 -10.57 33.54 -0.86
C LEU B 117 -11.98 33.03 -1.15
N TYR B 118 -12.88 33.15 -0.18
CA TYR B 118 -14.25 32.65 -0.36
C TYR B 118 -15.31 33.56 0.28
N SER B 119 -16.39 33.79 -0.45
CA SER B 119 -17.48 34.63 0.01
C SER B 119 -18.87 34.11 -0.36
N GLY B 120 -19.04 32.79 -0.38
CA GLY B 120 -20.32 32.21 -0.73
C GLY B 120 -20.34 31.45 -2.04
N PRO B 121 -21.50 30.96 -2.48
CA PRO B 121 -22.81 31.07 -1.83
C PRO B 121 -23.18 29.91 -0.91
N PHE B 122 -22.37 28.86 -0.90
CA PHE B 122 -22.64 27.69 -0.06
C PHE B 122 -22.04 27.87 1.32
N PRO B 123 -22.74 27.42 2.37
CA PRO B 123 -22.17 27.58 3.70
C PRO B 123 -21.12 26.48 3.91
N ILE B 124 -20.14 26.74 4.78
CA ILE B 124 -19.11 25.76 5.06
C ILE B 124 -19.20 25.42 6.54
N HIS B 125 -19.32 24.13 6.86
CA HIS B 125 -19.43 23.69 8.24
C HIS B 125 -18.08 23.28 8.82
N PHE B 126 -17.70 23.94 9.91
CA PHE B 126 -16.42 23.70 10.56
C PHE B 126 -16.51 22.97 11.88
N HIS B 127 -15.52 22.13 12.13
CA HIS B 127 -15.42 21.41 13.39
C HIS B 127 -14.10 21.88 13.97
N LEU B 128 -14.17 22.60 15.10
CA LEU B 128 -12.99 23.11 15.74
C LEU B 128 -12.29 21.98 16.49
N KCX B 129 -11.03 21.77 16.15
CA KCX B 129 -10.22 20.73 16.79
CB KCX B 129 -9.24 20.12 15.79
CG KCX B 129 -8.28 19.09 16.41
CD KCX B 129 -9.02 17.85 16.85
CE KCX B 129 -8.08 16.73 17.30
NZ KCX B 129 -7.00 16.54 16.34
C KCX B 129 -9.44 21.36 17.93
O KCX B 129 -8.79 22.39 17.75
CX KCX B 129 -6.15 15.51 16.35
OQ1 KCX B 129 -5.15 15.54 15.59
OQ2 KCX B 129 -6.36 14.53 17.09
N MET B 130 -9.53 20.75 19.10
CA MET B 130 -8.80 21.23 20.28
C MET B 130 -7.79 20.17 20.67
N ASP B 131 -6.58 20.61 20.98
CA ASP B 131 -5.53 19.69 21.39
C ASP B 131 -5.57 19.65 22.91
N THR B 132 -5.94 18.49 23.45
CA THR B 132 -6.04 18.32 24.89
C THR B 132 -4.94 17.42 25.42
N GLY B 133 -4.04 16.97 24.54
CA GLY B 133 -2.96 16.10 24.95
C GLY B 133 -2.36 15.20 23.89
N MET B 134 -3.02 15.08 22.74
CA MET B 134 -2.51 14.24 21.64
C MET B 134 -1.31 14.89 20.94
N GLY B 135 -1.24 16.21 20.99
CA GLY B 135 -0.15 16.94 20.36
C GLY B 135 -0.08 16.83 18.85
N ARG B 136 -1.18 16.47 18.21
CA ARG B 136 -1.20 16.33 16.76
C ARG B 136 -1.76 17.62 16.15
N LEU B 137 -3.08 17.73 16.07
CA LEU B 137 -3.71 18.94 15.54
C LEU B 137 -4.58 19.54 16.63
N GLY B 138 -4.97 20.80 16.46
CA GLY B 138 -5.84 21.43 17.44
C GLY B 138 -5.36 22.73 18.05
N VAL B 139 -6.31 23.58 18.42
CA VAL B 139 -6.02 24.86 19.05
C VAL B 139 -5.63 24.58 20.51
N LYS B 140 -4.76 25.41 21.08
CA LYS B 140 -4.33 25.19 22.45
C LYS B 140 -4.46 26.38 23.40
N ASP B 141 -4.70 27.57 22.85
CA ASP B 141 -4.83 28.77 23.69
C ASP B 141 -6.25 29.32 23.63
N GLU B 142 -6.68 29.97 24.71
CA GLU B 142 -8.02 30.54 24.76
C GLU B 142 -8.17 31.70 23.77
N GLU B 143 -7.12 32.51 23.68
N GLU B 143 -7.14 32.52 23.67
CA GLU B 143 -7.09 33.66 22.78
CA GLU B 143 -7.20 33.66 22.76
C GLU B 143 -7.29 33.25 21.32
C GLU B 143 -7.33 33.22 21.31
N GLU B 144 -6.65 32.14 20.94
CA GLU B 144 -6.75 31.65 19.56
C GLU B 144 -8.15 31.10 19.35
N THR B 145 -8.65 30.35 20.33
CA THR B 145 -9.98 29.77 20.24
C THR B 145 -11.04 30.84 19.97
N LYS B 146 -10.97 31.93 20.73
CA LYS B 146 -11.92 33.04 20.56
C LYS B 146 -11.75 33.73 19.21
N ARG B 147 -10.53 33.86 18.74
CA ARG B 147 -10.25 34.50 17.45
C ARG B 147 -10.86 33.66 16.32
N ILE B 148 -10.68 32.35 16.40
CA ILE B 148 -11.22 31.43 15.41
C ILE B 148 -12.75 31.52 15.38
N VAL B 149 -13.36 31.48 16.57
CA VAL B 149 -14.81 31.57 16.69
C VAL B 149 -15.32 32.89 16.12
N ALA B 150 -14.61 33.96 16.45
CA ALA B 150 -14.97 35.29 15.98
C ALA B 150 -14.94 35.37 14.45
N LEU B 151 -13.95 34.74 13.84
CA LEU B 151 -13.83 34.75 12.38
C LEU B 151 -14.94 33.93 11.72
N ILE B 152 -15.32 32.82 12.33
CA ILE B 152 -16.39 31.99 11.78
C ILE B 152 -17.74 32.69 11.90
N GLU B 153 -18.03 33.26 13.07
CA GLU B 153 -19.29 33.95 13.26
C GLU B 153 -19.44 35.14 12.31
N ARG B 154 -18.34 35.84 12.08
CA ARG B 154 -18.35 37.01 11.21
C ARG B 154 -18.66 36.70 9.75
N HIS B 155 -18.07 35.64 9.21
CA HIS B 155 -18.30 35.27 7.81
C HIS B 155 -19.72 34.73 7.64
N PRO B 156 -20.51 35.37 6.76
CA PRO B 156 -21.89 34.93 6.52
C PRO B 156 -22.06 33.49 6.00
N HIS B 157 -20.97 32.88 5.53
CA HIS B 157 -21.05 31.51 5.02
C HIS B 157 -20.24 30.49 5.82
N PHE B 158 -19.67 30.93 6.94
CA PHE B 158 -18.90 30.04 7.80
C PHE B 158 -19.80 29.64 8.96
N VAL B 159 -19.84 28.34 9.27
CA VAL B 159 -20.66 27.83 10.35
C VAL B 159 -19.86 26.92 11.28
N LEU B 160 -20.02 27.11 12.59
CA LEU B 160 -19.33 26.26 13.55
C LEU B 160 -20.25 25.11 13.92
N GLU B 161 -20.17 24.02 13.16
CA GLU B 161 -21.02 22.86 13.38
C GLU B 161 -20.61 22.08 14.62
N GLY B 162 -19.32 22.06 14.93
CA GLY B 162 -18.90 21.33 16.10
C GLY B 162 -17.48 21.56 16.56
N LEU B 163 -17.12 20.86 17.63
N LEU B 163 -17.09 20.84 17.61
CA LEU B 163 -15.78 20.95 18.20
CA LEU B 163 -15.74 20.93 18.11
C LEU B 163 -15.42 19.61 18.82
C LEU B 163 -15.41 19.61 18.76
N TYR B 164 -14.15 19.24 18.71
CA TYR B 164 -13.70 17.97 19.25
C TYR B 164 -12.24 17.92 19.62
N THR B 165 -11.88 16.79 20.20
CA THR B 165 -10.50 16.52 20.60
C THR B 165 -10.35 15.02 20.33
N HIS B 166 -9.15 14.50 20.54
CA HIS B 166 -8.88 13.09 20.31
C HIS B 166 -8.00 12.59 21.44
N PHE B 167 -8.30 11.38 21.92
CA PHE B 167 -7.56 10.78 23.01
C PHE B 167 -6.37 9.97 22.52
N ALA B 168 -5.24 10.13 23.21
CA ALA B 168 -4.01 9.44 22.85
C ALA B 168 -3.85 8.11 23.58
N THR B 169 -4.51 7.95 24.72
CA THR B 169 -4.37 6.74 25.52
C THR B 169 -5.67 6.08 25.98
N ALA B 170 -6.75 6.31 25.22
CA ALA B 170 -8.05 5.74 25.57
C ALA B 170 -8.08 4.21 25.56
N ASP B 171 -7.05 3.58 24.97
CA ASP B 171 -7.01 2.12 24.90
C ASP B 171 -6.03 1.46 25.88
N GLU B 172 -5.61 2.23 26.89
CA GLU B 172 -4.70 1.73 27.91
C GLU B 172 -5.46 1.50 29.20
N VAL B 173 -5.17 0.40 29.89
CA VAL B 173 -5.85 0.07 31.13
C VAL B 173 -5.78 1.24 32.12
N ASN B 174 -4.58 1.74 32.40
CA ASN B 174 -4.45 2.87 33.30
C ASN B 174 -5.07 4.07 32.58
N THR B 175 -5.97 4.77 33.25
CA THR B 175 -6.65 5.91 32.65
C THR B 175 -6.20 7.28 33.11
N ASP B 176 -4.98 7.37 33.65
CA ASP B 176 -4.46 8.64 34.13
C ASP B 176 -4.42 9.75 33.06
N TYR B 177 -3.65 9.55 31.99
CA TYR B 177 -3.56 10.56 30.94
C TYR B 177 -4.93 10.79 30.30
N PHE B 178 -5.67 9.71 30.07
CA PHE B 178 -6.98 9.82 29.47
C PHE B 178 -7.84 10.78 30.29
N SER B 179 -8.02 10.47 31.56
CA SER B 179 -8.81 11.31 32.45
C SER B 179 -8.29 12.75 32.37
N TYR B 180 -6.97 12.89 32.28
CA TYR B 180 -6.38 14.23 32.18
C TYR B 180 -6.90 14.93 30.94
N GLN B 181 -6.87 14.24 29.80
CA GLN B 181 -7.34 14.78 28.54
C GLN B 181 -8.83 15.14 28.56
N TYR B 182 -9.63 14.27 29.19
CA TYR B 182 -11.07 14.49 29.28
C TYR B 182 -11.37 15.74 30.12
N THR B 183 -10.63 15.91 31.21
CA THR B 183 -10.82 17.05 32.10
C THR B 183 -10.39 18.35 31.41
N ARG B 184 -9.30 18.29 30.66
CA ARG B 184 -8.80 19.46 29.96
C ARG B 184 -9.77 19.89 28.87
N PHE B 185 -10.47 18.92 28.28
CA PHE B 185 -11.43 19.18 27.22
C PHE B 185 -12.59 19.99 27.76
N LEU B 186 -13.08 19.60 28.93
CA LEU B 186 -14.19 20.32 29.57
C LEU B 186 -13.81 21.77 29.83
N HIS B 187 -12.60 21.98 30.35
CA HIS B 187 -12.12 23.32 30.66
C HIS B 187 -11.97 24.20 29.41
N MET B 188 -11.52 23.60 28.31
CA MET B 188 -11.35 24.35 27.07
C MET B 188 -12.69 24.68 26.41
N LEU B 189 -13.67 23.80 26.56
CA LEU B 189 -14.98 24.03 25.97
C LEU B 189 -15.56 25.34 26.50
N GLU B 190 -15.24 25.65 27.76
CA GLU B 190 -15.72 26.86 28.41
C GLU B 190 -15.19 28.12 27.74
N TRP B 191 -14.20 27.98 26.87
CA TRP B 191 -13.62 29.11 26.16
C TRP B 191 -14.57 29.58 25.07
N LEU B 192 -15.45 28.68 24.63
CA LEU B 192 -16.42 28.99 23.58
C LEU B 192 -17.59 29.80 24.10
N PRO B 193 -17.97 30.87 23.38
CA PRO B 193 -19.10 31.69 23.82
C PRO B 193 -20.39 30.89 23.71
N SER B 194 -20.42 29.97 22.74
CA SER B 194 -21.60 29.13 22.52
C SER B 194 -21.16 27.69 22.27
N ARG B 195 -21.91 26.76 22.85
N ARG B 195 -21.91 26.75 22.85
CA ARG B 195 -21.62 25.34 22.69
CA ARG B 195 -21.60 25.34 22.69
C ARG B 195 -22.11 24.84 21.33
C ARG B 195 -22.12 24.85 21.34
N PRO B 196 -21.20 24.51 20.42
CA PRO B 196 -21.58 24.02 19.09
C PRO B 196 -22.53 22.84 19.21
N PRO B 197 -23.39 22.64 18.21
CA PRO B 197 -24.35 21.53 18.23
C PRO B 197 -23.70 20.16 18.31
N LEU B 198 -22.49 20.04 17.79
CA LEU B 198 -21.80 18.76 17.82
C LEU B 198 -20.47 18.77 18.58
N VAL B 199 -20.50 18.14 19.76
CA VAL B 199 -19.31 18.02 20.59
C VAL B 199 -19.00 16.53 20.59
N HIS B 200 -17.77 16.19 20.27
CA HIS B 200 -17.37 14.79 20.22
C HIS B 200 -15.91 14.62 20.64
N CYS B 201 -15.59 13.45 21.16
CA CYS B 201 -14.22 13.22 21.60
C CYS B 201 -13.77 11.77 21.62
N ALA B 202 -14.73 10.86 21.66
CA ALA B 202 -14.41 9.44 21.75
C ALA B 202 -14.17 8.67 20.44
N ASN B 203 -13.17 7.82 20.47
CA ASN B 203 -12.84 6.96 19.34
C ASN B 203 -13.43 5.60 19.72
N SER B 204 -12.94 4.51 19.13
CA SER B 204 -13.48 3.19 19.47
C SER B 204 -13.28 2.85 20.94
N ALA B 205 -12.04 2.97 21.38
CA ALA B 205 -11.68 2.65 22.77
C ALA B 205 -12.48 3.42 23.80
N ALA B 206 -12.54 4.75 23.63
CA ALA B 206 -13.26 5.60 24.55
C ALA B 206 -14.76 5.35 24.57
N SER B 207 -15.37 5.29 23.39
CA SER B 207 -16.82 5.09 23.29
C SER B 207 -17.28 3.76 23.87
N LEU B 208 -16.51 2.70 23.62
CA LEU B 208 -16.86 1.37 24.10
C LEU B 208 -16.68 1.23 25.61
N ARG B 209 -15.68 1.93 26.16
CA ARG B 209 -15.40 1.86 27.59
C ARG B 209 -16.22 2.83 28.44
N PHE B 210 -16.49 4.01 27.92
CA PHE B 210 -17.25 5.02 28.65
C PHE B 210 -18.29 5.63 27.72
N PRO B 211 -19.22 4.80 27.20
CA PRO B 211 -20.28 5.27 26.30
C PRO B 211 -21.16 6.37 26.87
N ASP B 212 -21.06 6.60 28.18
N ASP B 212 -21.04 6.58 28.18
CA ASP B 212 -21.87 7.62 28.82
CA ASP B 212 -21.83 7.58 28.89
C ASP B 212 -21.16 8.96 28.96
C ASP B 212 -21.15 8.95 28.97
N ARG B 213 -19.94 9.05 28.44
CA ARG B 213 -19.18 10.29 28.47
C ARG B 213 -18.74 10.65 27.06
N THR B 214 -19.61 10.34 26.10
CA THR B 214 -19.34 10.59 24.69
C THR B 214 -20.02 11.83 24.15
N PHE B 215 -20.56 12.65 25.04
CA PHE B 215 -21.24 13.88 24.63
C PHE B 215 -22.32 13.56 23.59
N ASN B 216 -22.26 14.16 22.42
CA ASN B 216 -23.31 13.89 21.44
C ASN B 216 -22.91 13.17 20.15
N MET B 217 -21.68 12.70 20.06
CA MET B 217 -21.26 11.98 18.86
C MET B 217 -19.95 11.24 19.07
N VAL B 218 -19.87 10.02 18.54
CA VAL B 218 -18.66 9.23 18.66
C VAL B 218 -18.08 8.96 17.29
N ARG B 219 -16.75 8.88 17.21
CA ARG B 219 -16.07 8.63 15.96
C ARG B 219 -15.56 7.20 16.01
N PHE B 220 -16.40 6.28 15.52
CA PHE B 220 -16.12 4.85 15.53
C PHE B 220 -15.20 4.40 14.41
N GLY B 221 -14.02 3.93 14.78
CA GLY B 221 -13.07 3.48 13.80
C GLY B 221 -12.70 2.01 13.83
N ILE B 222 -11.53 1.72 14.38
CA ILE B 222 -11.00 0.37 14.45
C ILE B 222 -11.97 -0.73 14.86
N ALA B 223 -12.79 -0.48 15.88
CA ALA B 223 -13.74 -1.48 16.37
C ALA B 223 -14.83 -1.83 15.36
N MET B 224 -15.19 -0.88 14.51
CA MET B 224 -16.21 -1.11 13.49
C MET B 224 -15.79 -2.22 12.53
N TYR B 225 -14.48 -2.35 12.32
CA TYR B 225 -13.92 -3.37 11.45
C TYR B 225 -13.71 -4.65 12.26
N GLY B 226 -14.08 -4.57 13.53
CA GLY B 226 -13.97 -5.72 14.43
C GLY B 226 -12.59 -6.00 14.96
N LEU B 227 -11.76 -4.97 15.03
CA LEU B 227 -10.40 -5.14 15.53
C LEU B 227 -10.26 -4.39 16.86
N ALA B 228 -9.63 -5.02 17.83
CA ALA B 228 -9.45 -4.41 19.15
C ALA B 228 -8.53 -3.20 19.12
N PRO B 229 -8.92 -2.12 19.82
CA PRO B 229 -8.09 -0.91 19.87
C PRO B 229 -6.68 -1.25 20.35
N SER B 230 -6.58 -2.21 21.26
CA SER B 230 -5.29 -2.65 21.80
C SER B 230 -5.47 -3.96 22.55
N PRO B 231 -4.37 -4.71 22.74
CA PRO B 231 -4.41 -5.99 23.45
C PRO B 231 -4.91 -5.82 24.88
N GLY B 232 -4.47 -4.76 25.55
CA GLY B 232 -4.87 -4.53 26.92
C GLY B 232 -6.33 -4.20 27.14
N ILE B 233 -6.99 -3.65 26.12
CA ILE B 233 -8.40 -3.29 26.23
C ILE B 233 -9.37 -4.42 25.91
N LYS B 234 -8.90 -5.43 25.17
CA LYS B 234 -9.74 -6.56 24.78
C LYS B 234 -10.62 -7.11 25.90
N PRO B 235 -10.04 -7.39 27.07
CA PRO B 235 -10.81 -7.91 28.19
C PRO B 235 -11.74 -6.88 28.82
N LEU B 236 -11.89 -5.75 28.15
CA LEU B 236 -12.75 -4.67 28.64
C LEU B 236 -13.89 -4.37 27.67
N LEU B 237 -13.81 -4.94 26.47
CA LEU B 237 -14.84 -4.72 25.45
C LEU B 237 -16.20 -5.22 25.93
N PRO B 238 -17.23 -4.36 25.87
CA PRO B 238 -18.58 -4.74 26.31
C PRO B 238 -19.22 -5.86 25.49
N TYR B 239 -18.84 -5.99 24.23
CA TYR B 239 -19.39 -7.04 23.38
C TYR B 239 -18.38 -7.61 22.39
N PRO B 240 -18.54 -8.87 21.98
CA PRO B 240 -17.63 -9.51 21.03
C PRO B 240 -17.57 -8.82 19.67
N LEU B 241 -16.38 -8.49 19.23
CA LEU B 241 -16.19 -7.85 17.94
C LEU B 241 -16.14 -8.96 16.90
N LYS B 242 -16.62 -8.66 15.69
CA LYS B 242 -16.59 -9.63 14.62
C LYS B 242 -15.61 -9.16 13.54
N GLU B 243 -14.54 -9.92 13.35
CA GLU B 243 -13.53 -9.57 12.34
C GLU B 243 -14.15 -9.60 10.94
N ALA B 244 -13.93 -8.55 10.17
CA ALA B 244 -14.51 -8.48 8.84
C ALA B 244 -13.54 -8.80 7.70
N PHE B 245 -12.26 -8.62 7.95
CA PHE B 245 -11.24 -8.82 6.91
C PHE B 245 -10.51 -10.17 6.93
N SER B 246 -10.39 -10.78 5.75
CA SER B 246 -9.69 -12.04 5.59
C SER B 246 -8.95 -11.94 4.26
N LEU B 247 -7.88 -12.70 4.10
CA LEU B 247 -7.06 -12.65 2.88
C LEU B 247 -6.73 -14.06 2.39
N HIS B 248 -6.92 -14.30 1.08
CA HIS B 248 -6.69 -15.62 0.50
C HIS B 248 -5.91 -15.61 -0.82
N SER B 249 -5.51 -16.80 -1.25
CA SER B 249 -4.77 -16.98 -2.49
C SER B 249 -4.90 -18.46 -2.83
N ARG B 250 -4.21 -18.91 -3.86
CA ARG B 250 -4.27 -20.32 -4.25
C ARG B 250 -2.89 -20.74 -4.76
N LEU B 251 -2.57 -22.02 -4.60
CA LEU B 251 -1.29 -22.51 -5.08
C LEU B 251 -1.31 -22.38 -6.60
N VAL B 252 -0.25 -21.81 -7.16
CA VAL B 252 -0.15 -21.67 -8.61
C VAL B 252 0.92 -22.61 -9.13
N HIS B 253 1.70 -23.18 -8.22
CA HIS B 253 2.73 -24.14 -8.57
C HIS B 253 3.06 -25.04 -7.39
N VAL B 254 3.37 -26.29 -7.69
CA VAL B 254 3.70 -27.30 -6.69
C VAL B 254 4.79 -28.21 -7.22
N LYS B 255 5.84 -28.41 -6.44
CA LYS B 255 6.95 -29.24 -6.85
C LYS B 255 7.66 -29.84 -5.64
N LYS B 256 8.35 -30.96 -5.86
CA LYS B 256 9.08 -31.62 -4.79
C LYS B 256 10.57 -31.30 -4.92
N LEU B 257 11.18 -30.79 -3.85
CA LEU B 257 12.59 -30.45 -3.85
C LEU B 257 13.41 -31.55 -3.19
N GLN B 258 14.67 -31.66 -3.62
CA GLN B 258 15.59 -32.63 -3.07
C GLN B 258 16.48 -31.91 -2.06
N PRO B 259 16.92 -32.63 -1.01
CA PRO B 259 17.79 -32.00 -0.01
C PRO B 259 18.90 -31.19 -0.65
N GLY B 260 19.11 -29.97 -0.15
CA GLY B 260 20.15 -29.13 -0.68
C GLY B 260 19.71 -28.08 -1.69
N GLU B 261 18.48 -28.18 -2.19
CA GLU B 261 17.98 -27.19 -3.13
C GLU B 261 17.60 -25.91 -2.41
N LYS B 262 17.86 -24.77 -3.04
CA LYS B 262 17.57 -23.48 -2.42
C LYS B 262 16.33 -22.79 -2.98
N VAL B 263 15.72 -21.94 -2.16
CA VAL B 263 14.51 -21.24 -2.55
C VAL B 263 14.55 -19.73 -2.33
N SER B 264 14.03 -19.00 -3.32
CA SER B 264 13.93 -17.54 -3.32
C SER B 264 15.23 -16.75 -3.35
N PHE B 265 15.07 -15.43 -3.44
CA PHE B 265 16.19 -14.50 -3.51
C PHE B 265 17.22 -14.67 -2.40
N GLY B 266 18.49 -14.65 -2.79
CA GLY B 266 19.55 -14.80 -1.82
C GLY B 266 19.78 -16.27 -1.49
N ALA B 267 18.91 -17.12 -2.00
CA ALA B 267 19.03 -18.55 -1.72
C ALA B 267 19.17 -18.73 -0.21
N THR B 268 18.35 -18.00 0.55
CA THR B 268 18.40 -18.04 2.01
C THR B 268 17.85 -19.32 2.64
N TYR B 269 17.05 -20.06 1.88
CA TYR B 269 16.47 -21.30 2.39
C TYR B 269 17.02 -22.51 1.64
N THR B 270 17.32 -23.57 2.41
CA THR B 270 17.83 -24.81 1.84
C THR B 270 16.97 -25.95 2.38
N ALA B 271 16.43 -26.76 1.49
CA ALA B 271 15.58 -27.89 1.90
C ALA B 271 16.45 -28.96 2.57
N GLN B 272 16.19 -29.21 3.84
CA GLN B 272 16.97 -30.21 4.59
C GLN B 272 16.61 -31.64 4.24
N THR B 273 15.43 -31.84 3.66
CA THR B 273 14.97 -33.16 3.24
C THR B 273 14.03 -33.00 2.05
N GLU B 274 13.80 -34.10 1.32
CA GLU B 274 12.91 -34.08 0.18
C GLU B 274 11.57 -33.55 0.71
N GLU B 275 11.04 -32.51 0.06
CA GLU B 275 9.79 -31.90 0.49
C GLU B 275 9.02 -31.22 -0.65
N TRP B 276 7.73 -31.00 -0.43
CA TRP B 276 6.90 -30.35 -1.42
C TRP B 276 6.74 -28.87 -1.10
N ILE B 277 7.01 -28.04 -2.10
CA ILE B 277 6.93 -26.59 -1.95
C ILE B 277 5.84 -26.01 -2.84
N GLY B 278 5.03 -25.12 -2.28
CA GLY B 278 3.97 -24.50 -3.05
C GLY B 278 4.26 -23.03 -3.28
N THR B 279 3.92 -22.53 -4.46
CA THR B 279 4.14 -21.13 -4.78
C THR B 279 2.78 -20.43 -4.84
N ILE B 280 2.66 -19.27 -4.19
CA ILE B 280 1.39 -18.53 -4.22
C ILE B 280 1.61 -17.15 -4.81
N PRO B 281 0.64 -16.65 -5.59
CA PRO B 281 0.70 -15.33 -6.24
C PRO B 281 0.42 -14.10 -5.35
N ILE B 282 1.22 -13.94 -4.31
CA ILE B 282 1.09 -12.77 -3.44
C ILE B 282 2.47 -12.46 -2.91
N GLY B 283 2.83 -11.17 -2.91
CA GLY B 283 4.13 -10.75 -2.45
C GLY B 283 4.07 -9.43 -1.71
N TYR B 284 5.22 -8.80 -1.45
CA TYR B 284 5.20 -7.54 -0.72
C TYR B 284 4.56 -6.35 -1.44
N ALA B 285 4.43 -6.41 -2.77
CA ALA B 285 3.79 -5.32 -3.50
C ALA B 285 2.27 -5.37 -3.24
N ASP B 286 1.83 -6.45 -2.59
CA ASP B 286 0.42 -6.63 -2.25
C ASP B 286 0.18 -6.29 -0.78
N GLY B 287 1.25 -5.92 -0.08
CA GLY B 287 1.13 -5.60 1.33
C GLY B 287 1.55 -6.76 2.23
N TRP B 288 1.97 -7.86 1.61
CA TRP B 288 2.44 -9.03 2.35
C TRP B 288 3.95 -8.82 2.45
N LEU B 289 4.32 -7.89 3.33
CA LEU B 289 5.70 -7.49 3.52
C LEU B 289 6.71 -8.61 3.76
N ARG B 290 7.94 -8.35 3.34
CA ARG B 290 9.04 -9.30 3.48
C ARG B 290 9.23 -9.80 4.90
N ARG B 291 8.92 -8.95 5.88
CA ARG B 291 9.08 -9.31 7.28
C ARG B 291 8.26 -10.54 7.66
N LEU B 292 7.26 -10.87 6.85
CA LEU B 292 6.43 -12.04 7.13
C LEU B 292 7.12 -13.36 6.80
N GLN B 293 8.40 -13.29 6.45
CA GLN B 293 9.15 -14.51 6.16
C GLN B 293 9.14 -15.24 7.52
N HIS B 294 9.16 -16.57 7.49
CA HIS B 294 9.15 -17.36 8.72
C HIS B 294 7.77 -17.45 9.35
N PHE B 295 6.77 -16.85 8.72
CA PHE B 295 5.41 -16.90 9.24
C PHE B 295 4.73 -18.14 8.65
N HIS B 296 3.52 -18.42 9.10
N HIS B 296 3.53 -18.45 9.12
CA HIS B 296 2.77 -19.58 8.63
CA HIS B 296 2.79 -19.63 8.65
C HIS B 296 1.44 -19.19 8.01
C HIS B 296 1.44 -19.24 8.04
N VAL B 297 1.09 -19.84 6.91
CA VAL B 297 -0.18 -19.59 6.23
C VAL B 297 -0.99 -20.86 6.44
N LEU B 298 -2.25 -20.85 6.00
CA LEU B 298 -3.08 -22.03 6.15
C LEU B 298 -3.36 -22.64 4.79
N VAL B 299 -3.25 -23.96 4.71
CA VAL B 299 -3.52 -24.69 3.49
C VAL B 299 -4.04 -26.05 3.91
N ASP B 300 -5.15 -26.47 3.32
CA ASP B 300 -5.74 -27.76 3.64
C ASP B 300 -5.98 -27.85 5.14
N GLY B 301 -6.37 -26.73 5.75
CA GLY B 301 -6.65 -26.71 7.17
C GLY B 301 -5.45 -26.93 8.08
N GLN B 302 -4.25 -26.77 7.53
CA GLN B 302 -3.04 -26.97 8.32
C GLN B 302 -2.06 -25.82 8.14
N LYS B 303 -1.28 -25.55 9.18
CA LYS B 303 -0.31 -24.47 9.08
C LYS B 303 0.80 -24.91 8.16
N ALA B 304 1.22 -23.99 7.28
CA ALA B 304 2.30 -24.24 6.33
C ALA B 304 3.23 -23.03 6.39
N PRO B 305 4.47 -23.23 6.85
CA PRO B 305 5.43 -22.13 6.95
C PRO B 305 5.92 -21.58 5.61
N ILE B 306 6.14 -20.27 5.59
CA ILE B 306 6.64 -19.60 4.40
C ILE B 306 8.14 -19.87 4.38
N VAL B 307 8.61 -20.29 3.22
CA VAL B 307 10.02 -20.61 3.06
C VAL B 307 10.75 -19.64 2.14
N GLY B 308 11.93 -19.23 2.54
CA GLY B 308 12.70 -18.30 1.75
C GLY B 308 12.14 -16.90 1.90
N ARG B 309 12.74 -15.94 1.20
CA ARG B 309 12.28 -14.56 1.27
C ARG B 309 11.01 -14.39 0.45
N ILE B 310 10.19 -13.43 0.87
CA ILE B 310 8.96 -13.12 0.17
C ILE B 310 9.32 -12.22 -1.00
N CYS B 311 8.76 -12.52 -2.16
N CYS B 311 8.76 -12.51 -2.17
CA CYS B 311 9.00 -11.74 -3.38
CA CYS B 311 9.04 -11.73 -3.36
C CYS B 311 8.02 -10.61 -3.55
C CYS B 311 8.04 -10.59 -3.52
N MET B 312 8.23 -9.81 -4.58
CA MET B 312 7.36 -8.68 -4.87
C MET B 312 5.95 -9.14 -5.20
N ASP B 313 5.85 -10.26 -5.93
CA ASP B 313 4.54 -10.78 -6.34
C ASP B 313 4.31 -12.23 -5.96
N GLN B 314 5.34 -12.93 -5.51
CA GLN B 314 5.18 -14.32 -5.19
C GLN B 314 5.68 -14.72 -3.82
N CYS B 315 5.31 -15.93 -3.44
CA CYS B 315 5.57 -16.44 -2.12
C CYS B 315 5.69 -17.97 -2.15
N MET B 316 6.65 -18.55 -1.41
CA MET B 316 6.79 -20.02 -1.39
C MET B 316 6.51 -20.59 0.02
N ILE B 317 5.81 -21.74 0.06
CA ILE B 317 5.48 -22.38 1.33
C ILE B 317 5.76 -23.88 1.33
N ARG B 318 6.03 -24.44 2.51
CA ARG B 318 6.27 -25.86 2.64
C ARG B 318 4.94 -26.58 2.86
N LEU B 319 4.55 -27.39 1.88
CA LEU B 319 3.29 -28.12 1.95
C LEU B 319 3.49 -29.41 2.73
N PRO B 320 2.41 -29.96 3.29
CA PRO B 320 2.47 -31.21 4.04
C PRO B 320 2.63 -32.39 3.09
N GLY B 321 2.28 -32.17 1.82
CA GLY B 321 2.39 -33.21 0.82
C GLY B 321 2.06 -32.68 -0.57
N PRO B 322 2.00 -33.54 -1.58
CA PRO B 322 1.68 -33.15 -2.96
C PRO B 322 0.24 -32.64 -3.14
N LEU B 323 0.04 -31.34 -2.95
CA LEU B 323 -1.29 -30.75 -3.11
C LEU B 323 -1.46 -30.23 -4.53
N PRO B 324 -2.70 -30.27 -5.05
CA PRO B 324 -2.98 -29.79 -6.41
C PRO B 324 -2.97 -28.28 -6.56
N VAL B 325 -2.58 -27.82 -7.75
CA VAL B 325 -2.58 -26.40 -8.03
C VAL B 325 -4.03 -25.98 -7.83
N GLY B 326 -4.25 -24.74 -7.40
CA GLY B 326 -5.60 -24.27 -7.20
C GLY B 326 -6.07 -24.41 -5.75
N THR B 327 -5.32 -25.16 -4.95
CA THR B 327 -5.69 -25.35 -3.54
C THR B 327 -5.74 -24.01 -2.82
N LYS B 328 -6.81 -23.79 -2.08
CA LYS B 328 -7.03 -22.55 -1.37
C LYS B 328 -6.08 -22.32 -0.20
N VAL B 329 -5.42 -21.17 -0.21
CA VAL B 329 -4.49 -20.79 0.83
C VAL B 329 -5.07 -19.58 1.59
N THR B 330 -5.13 -19.67 2.91
CA THR B 330 -5.66 -18.57 3.69
C THR B 330 -4.52 -17.93 4.47
N LEU B 331 -4.28 -16.64 4.23
CA LEU B 331 -3.22 -15.93 4.92
C LEU B 331 -3.79 -15.25 6.16
N ILE B 332 -5.06 -14.89 6.08
CA ILE B 332 -5.76 -14.28 7.20
C ILE B 332 -7.16 -14.84 7.14
N GLY B 333 -7.56 -15.54 8.19
CA GLY B 333 -8.89 -16.13 8.21
C GLY B 333 -8.87 -17.51 8.83
N ARG B 334 -9.91 -18.29 8.56
CA ARG B 334 -10.00 -19.62 9.12
C ARG B 334 -10.06 -20.76 8.11
N GLN B 335 -9.40 -21.86 8.45
CA GLN B 335 -9.39 -23.06 7.64
C GLN B 335 -9.47 -24.25 8.59
N GLY B 336 -10.64 -24.89 8.65
CA GLY B 336 -10.81 -26.03 9.54
C GLY B 336 -10.82 -25.58 10.98
N ASP B 337 -9.89 -26.10 11.78
CA ASP B 337 -9.79 -25.72 13.19
C ASP B 337 -8.63 -24.75 13.40
N GLU B 338 -8.08 -24.26 12.30
CA GLU B 338 -6.97 -23.33 12.35
C GLU B 338 -7.47 -21.93 12.00
N VAL B 339 -6.84 -20.93 12.60
CA VAL B 339 -7.24 -19.55 12.35
C VAL B 339 -6.08 -18.56 12.47
N ILE B 340 -6.03 -17.62 11.55
CA ILE B 340 -5.01 -16.57 11.55
C ILE B 340 -5.75 -15.24 11.59
N SER B 341 -5.49 -14.46 12.63
CA SER B 341 -6.15 -13.17 12.79
C SER B 341 -5.23 -12.04 12.32
N ILE B 342 -5.79 -10.85 12.16
CA ILE B 342 -4.97 -9.72 11.76
C ILE B 342 -3.99 -9.43 12.90
N ASP B 343 -4.40 -9.70 14.14
CA ASP B 343 -3.51 -9.47 15.26
C ASP B 343 -2.27 -10.39 15.14
N ASP B 344 -2.48 -11.63 14.70
CA ASP B 344 -1.35 -12.54 14.53
C ASP B 344 -0.36 -11.98 13.51
N VAL B 345 -0.91 -11.42 12.43
CA VAL B 345 -0.08 -10.85 11.37
C VAL B 345 0.62 -9.58 11.86
N ALA B 346 -0.11 -8.72 12.56
CA ALA B 346 0.48 -7.49 13.06
C ALA B 346 1.66 -7.86 13.96
N ARG B 347 1.41 -8.87 14.80
CA ARG B 347 2.38 -9.38 15.76
C ARG B 347 3.71 -9.75 15.06
N HIS B 348 3.61 -10.57 14.02
CA HIS B 348 4.79 -11.00 13.27
C HIS B 348 5.44 -9.81 12.56
N LEU B 349 4.62 -8.90 12.05
CA LEU B 349 5.12 -7.72 11.36
C LEU B 349 5.62 -6.70 12.37
N GLU B 350 5.47 -7.02 13.65
CA GLU B 350 5.92 -6.15 14.73
C GLU B 350 5.26 -4.77 14.64
N THR B 351 3.94 -4.76 14.50
CA THR B 351 3.20 -3.52 14.40
C THR B 351 1.83 -3.73 15.06
N ILE B 352 0.88 -2.84 14.76
CA ILE B 352 -0.45 -2.95 15.34
C ILE B 352 -1.46 -3.29 14.26
N ASN B 353 -2.59 -3.87 14.65
CA ASN B 353 -3.61 -4.26 13.68
C ASN B 353 -4.01 -3.20 12.68
N TYR B 354 -4.09 -1.94 13.12
CA TYR B 354 -4.46 -0.83 12.24
C TYR B 354 -3.69 -0.82 10.90
N GLU B 355 -2.38 -1.02 10.98
CA GLU B 355 -1.53 -0.97 9.80
C GLU B 355 -1.68 -2.10 8.78
N VAL B 356 -2.02 -3.29 9.25
CA VAL B 356 -2.14 -4.44 8.35
C VAL B 356 -3.11 -4.33 7.18
N PRO B 357 -4.41 -4.09 7.45
CA PRO B 357 -5.34 -3.98 6.33
C PRO B 357 -5.09 -2.77 5.42
N CYS B 358 -4.58 -1.69 6.00
CA CYS B 358 -4.27 -0.50 5.24
C CYS B 358 -3.14 -0.78 4.24
N THR B 359 -2.26 -1.71 4.59
CA THR B 359 -1.11 -2.04 3.74
C THR B 359 -1.45 -3.00 2.59
N ILE B 360 -2.50 -3.79 2.73
CA ILE B 360 -2.90 -4.70 1.66
C ILE B 360 -3.28 -3.74 0.53
N SER B 361 -2.39 -3.64 -0.45
CA SER B 361 -2.53 -2.69 -1.56
C SER B 361 -3.69 -2.71 -2.53
N TYR B 362 -3.70 -1.68 -3.36
CA TYR B 362 -4.70 -1.46 -4.39
C TYR B 362 -4.78 -2.67 -5.32
N ARG B 363 -3.68 -3.40 -5.43
CA ARG B 363 -3.58 -4.56 -6.30
C ARG B 363 -4.46 -5.75 -5.92
N VAL B 364 -4.81 -5.83 -4.63
CA VAL B 364 -5.62 -6.94 -4.15
C VAL B 364 -7.11 -6.60 -4.24
N PRO B 365 -7.85 -7.40 -5.02
CA PRO B 365 -9.30 -7.16 -5.17
C PRO B 365 -10.01 -7.47 -3.86
N ARG B 366 -11.10 -6.75 -3.58
CA ARG B 366 -11.87 -7.00 -2.38
C ARG B 366 -13.20 -7.63 -2.79
N ILE B 367 -13.57 -8.73 -2.14
CA ILE B 367 -14.84 -9.40 -2.42
C ILE B 367 -15.70 -9.15 -1.19
N PHE B 368 -16.87 -8.57 -1.40
CA PHE B 368 -17.78 -8.23 -0.32
C PHE B 368 -18.92 -9.21 -0.09
N PHE B 369 -19.08 -9.62 1.17
CA PHE B 369 -20.14 -10.53 1.57
C PHE B 369 -21.15 -9.78 2.44
N ARG B 370 -22.43 -9.99 2.13
CA ARG B 370 -23.50 -9.37 2.88
C ARG B 370 -24.58 -10.44 2.94
N HIS B 371 -25.10 -10.70 4.13
CA HIS B 371 -26.11 -11.72 4.33
C HIS B 371 -25.66 -13.07 3.80
N LYS B 372 -24.39 -13.36 4.06
CA LYS B 372 -23.75 -14.61 3.67
C LYS B 372 -23.69 -14.91 2.19
N ARG B 373 -23.86 -13.87 1.37
N ARG B 373 -23.86 -13.88 1.36
CA ARG B 373 -23.79 -14.02 -0.09
CA ARG B 373 -23.78 -14.03 -0.09
C ARG B 373 -22.80 -12.98 -0.61
C ARG B 373 -22.78 -13.01 -0.60
N ILE B 374 -22.22 -13.26 -1.77
CA ILE B 374 -21.29 -12.31 -2.37
C ILE B 374 -22.17 -11.20 -2.88
N MET B 375 -21.92 -9.97 -2.44
CA MET B 375 -22.73 -8.84 -2.86
C MET B 375 -22.04 -7.98 -3.93
N GLU B 376 -20.71 -7.92 -3.87
CA GLU B 376 -19.97 -7.07 -4.80
C GLU B 376 -18.48 -7.40 -4.79
N VAL B 377 -17.82 -7.08 -5.90
CA VAL B 377 -16.39 -7.30 -6.03
C VAL B 377 -15.75 -6.01 -6.52
N ARG B 378 -14.62 -5.63 -5.92
CA ARG B 378 -13.91 -4.42 -6.28
C ARG B 378 -12.43 -4.68 -6.59
N ASN B 379 -12.05 -4.51 -7.85
CA ASN B 379 -10.67 -4.70 -8.31
C ASN B 379 -10.18 -3.32 -8.76
N ALA B 380 -9.38 -2.68 -7.93
CA ALA B 380 -8.87 -1.33 -8.22
C ALA B 380 -8.20 -1.16 -9.59
N ILE B 381 -7.73 -2.26 -10.19
CA ILE B 381 -7.09 -2.17 -11.50
C ILE B 381 -7.86 -2.93 -12.57
N1 PMH C . 12.27 -10.85 -14.47
C2 PMH C . 11.43 -11.45 -13.58
C2A PMH C . 10.83 -12.80 -13.90
C3 PMH C . 11.13 -10.79 -12.34
O3 PMH C . 10.30 -11.38 -11.47
C4 PMH C . 11.70 -9.52 -12.05
C4A PMH C . 11.46 -8.74 -10.80
C5 PMH C . 12.60 -8.92 -13.04
C6 PMH C . 12.85 -9.62 -14.25
C5A PMH C . 13.29 -7.59 -12.81
O4P PMH C . 14.19 -7.83 -11.72
P PMH C . 15.01 -6.55 -11.24
O1P PMH C . 13.91 -5.34 -10.57
O2P PMH C . 16.17 -7.06 -10.01
O3P PMH C . 15.88 -5.86 -12.60
N PMH C . 12.27 -9.27 -9.69
CA PMH C . 11.72 -9.24 -8.41
C PMH C . 10.68 -10.06 -7.92
O PMH C . 9.99 -10.93 -8.66
ND PMH C . 10.61 -9.91 -6.63
OG PMH C . 11.51 -8.95 -6.25
CB PMH C . 12.21 -8.55 -7.34
N1 PMH D . -11.11 10.37 15.31
C2 PMH D . -9.97 10.84 14.75
C2A PMH D . -9.72 12.33 14.71
C3 PMH D . -9.00 9.92 14.20
O3 PMH D . -7.87 10.40 13.65
C4 PMH D . -9.25 8.52 14.25
C4A PMH D . -8.32 7.48 13.71
C5 PMH D . -10.50 8.06 14.87
C6 PMH D . -11.41 9.02 15.39
C5A PMH D . -10.86 6.60 14.99
O4P PMH D . -9.94 6.02 15.93
P PMH D . -10.12 4.45 16.16
O1P PMH D . -9.76 3.58 14.65
O2P PMH D . -9.04 3.94 17.44
O3P PMH D . -11.78 4.09 16.64
N PMH D . -7.25 7.19 14.69
CA PMH D . -6.01 6.76 14.22
C PMH D . -5.03 7.52 13.57
O PMH D . -5.20 8.78 13.19
ND PMH D . -3.93 6.84 13.51
OG PMH D . -4.17 5.58 14.03
CB PMH D . -5.44 5.54 14.48
#